data_6T33
#
_entry.id   6T33
#
_entity_poly.entity_id   1
_entity_poly.type   'polypeptide(L)'
_entity_poly.pdbx_seq_one_letter_code
;WGCVCSGSTAVANSHNAGPAYCVGYCGNNGVVTRNANANVAKTA
;
_entity_poly.pdbx_strand_id   A
#
# COMPACT_ATOMS: atom_id res chain seq x y z
N TRP A 1 -10.13 4.71 4.63
CA TRP A 1 -9.64 4.18 3.37
C TRP A 1 -8.11 4.16 3.33
N GLY A 2 -7.53 3.01 3.63
CA GLY A 2 -6.08 2.88 3.63
C GLY A 2 -5.57 2.04 2.49
N CYS A 3 -5.10 2.70 1.43
CA CYS A 3 -4.58 2.00 0.27
C CYS A 3 -3.36 2.72 -0.30
N VAL A 4 -2.23 2.01 -0.33
CA VAL A 4 -0.98 2.58 -0.84
C VAL A 4 -0.43 1.74 -1.99
N CYS A 5 0.27 2.40 -2.91
CA CYS A 5 0.86 1.71 -4.06
C CYS A 5 2.25 2.25 -4.35
N SER A 6 3.14 1.36 -4.79
CA SER A 6 4.50 1.74 -5.12
C SER A 6 4.65 2.08 -6.60
N GLY A 7 3.85 3.04 -7.05
CA GLY A 7 3.90 3.44 -8.45
C GLY A 7 3.10 4.71 -8.71
N SER A 8 1.83 4.55 -9.05
CA SER A 8 0.97 5.69 -9.33
C SER A 8 -0.32 5.61 -8.51
N THR A 9 -1.14 6.66 -8.62
CA THR A 9 -2.39 6.71 -7.88
C THR A 9 -3.46 5.83 -8.54
N ALA A 10 -3.46 5.82 -9.86
CA ALA A 10 -4.43 5.02 -10.61
C ALA A 10 -4.37 3.55 -10.19
N VAL A 11 -3.16 3.06 -9.92
CA VAL A 11 -2.98 1.68 -9.50
C VAL A 11 -3.22 1.52 -8.00
N ALA A 12 -2.93 2.58 -7.25
CA ALA A 12 -3.12 2.56 -5.80
C ALA A 12 -4.57 2.27 -5.44
N ASN A 13 -5.50 2.99 -6.08
CA ASN A 13 -6.92 2.80 -5.82
C ASN A 13 -7.45 1.58 -6.55
N SER A 14 -6.79 1.21 -7.65
CA SER A 14 -7.20 0.06 -8.44
C SER A 14 -7.33 -1.18 -7.55
N HIS A 15 -6.46 -1.29 -6.56
CA HIS A 15 -6.49 -2.42 -5.64
C HIS A 15 -7.30 -2.10 -4.39
N ASN A 16 -6.84 -1.10 -3.65
CA ASN A 16 -7.52 -0.69 -2.42
C ASN A 16 -7.76 -1.89 -1.51
N ALA A 17 -8.57 -1.67 -0.47
CA ALA A 17 -8.89 -2.74 0.48
C ALA A 17 -9.97 -2.29 1.46
N GLY A 18 -9.68 -1.23 2.21
CA GLY A 18 -10.63 -0.72 3.17
C GLY A 18 -9.96 -0.14 4.40
N PRO A 19 -10.73 0.61 5.20
CA PRO A 19 -10.23 1.25 6.43
C PRO A 19 -9.92 0.23 7.52
N ALA A 20 -10.49 -0.97 7.39
CA ALA A 20 -10.27 -2.02 8.37
C ALA A 20 -9.09 -2.91 7.96
N TYR A 21 -8.83 -2.96 6.65
CA TYR A 21 -7.73 -3.77 6.13
C TYR A 21 -6.54 -2.90 5.75
N CYS A 22 -5.35 -3.49 5.79
CA CYS A 22 -4.13 -2.76 5.45
C CYS A 22 -3.37 -3.48 4.33
N VAL A 23 -3.12 -2.77 3.24
CA VAL A 23 -2.39 -3.34 2.11
C VAL A 23 -1.20 -2.48 1.73
N GLY A 24 -0.09 -3.13 1.40
CA GLY A 24 1.11 -2.41 1.03
C GLY A 24 1.74 -2.95 -0.24
N TYR A 25 1.44 -2.31 -1.37
CA TYR A 25 1.98 -2.74 -2.65
C TYR A 25 3.45 -2.40 -2.77
N CYS A 26 4.30 -3.42 -2.84
CA CYS A 26 5.74 -3.24 -2.95
C CYS A 26 6.27 -3.82 -4.25
N GLY A 27 7.54 -3.59 -4.52
CA GLY A 27 8.15 -4.10 -5.74
C GLY A 27 9.55 -4.64 -5.51
N ASN A 28 10.48 -4.22 -6.37
CA ASN A 28 11.87 -4.67 -6.26
C ASN A 28 12.76 -3.53 -5.77
N ASN A 29 12.28 -2.79 -4.77
CA ASN A 29 13.04 -1.68 -4.22
C ASN A 29 13.77 -2.09 -2.95
N GLY A 30 13.17 -3.02 -2.21
CA GLY A 30 13.79 -3.49 -0.98
C GLY A 30 12.76 -3.95 0.05
N VAL A 31 13.16 -4.86 0.92
CA VAL A 31 12.26 -5.38 1.95
C VAL A 31 11.70 -4.25 2.79
N VAL A 32 12.52 -3.27 3.10
CA VAL A 32 12.10 -2.13 3.90
C VAL A 32 10.88 -1.45 3.29
N THR A 33 10.97 -1.12 2.01
CA THR A 33 9.87 -0.47 1.30
C THR A 33 8.58 -1.27 1.45
N ARG A 34 8.65 -2.57 1.22
CA ARG A 34 7.48 -3.44 1.33
C ARG A 34 6.79 -3.25 2.67
N ASN A 35 7.57 -2.90 3.69
CA ASN A 35 7.03 -2.69 5.03
C ASN A 35 6.44 -1.28 5.17
N ALA A 36 7.18 -0.30 4.68
CA ALA A 36 6.73 1.10 4.74
C ALA A 36 5.34 1.25 4.14
N ASN A 37 5.12 0.57 3.02
CA ASN A 37 3.82 0.64 2.34
C ASN A 37 2.70 0.20 3.27
N ALA A 38 2.77 -1.04 3.74
CA ALA A 38 1.75 -1.57 4.64
C ALA A 38 1.61 -0.70 5.88
N ASN A 39 2.67 0.03 6.22
CA ASN A 39 2.66 0.91 7.38
C ASN A 39 1.76 2.11 7.14
N VAL A 40 1.69 2.55 5.89
CA VAL A 40 0.86 3.70 5.53
C VAL A 40 -0.60 3.31 5.45
N ALA A 41 -0.87 2.06 5.07
CA ALA A 41 -2.23 1.57 4.95
C ALA A 41 -2.77 1.11 6.31
N LYS A 42 -2.00 0.25 6.98
CA LYS A 42 -2.40 -0.26 8.28
C LYS A 42 -2.77 0.87 9.23
N THR A 43 -2.10 2.01 9.07
CA THR A 43 -2.35 3.18 9.91
C THR A 43 -3.50 4.00 9.36
N ALA A 44 -3.62 4.06 8.04
CA ALA A 44 -4.67 4.82 7.39
C ALA A 44 -6.06 4.31 7.82
N TRP A 1 -9.75 4.16 4.97
CA TRP A 1 -9.26 3.92 3.61
C TRP A 1 -7.74 3.84 3.59
N GLY A 2 -7.20 2.64 3.79
CA GLY A 2 -5.77 2.46 3.78
C GLY A 2 -5.28 1.68 2.57
N CYS A 3 -4.95 2.40 1.50
CA CYS A 3 -4.47 1.79 0.27
C CYS A 3 -3.31 2.58 -0.32
N VAL A 4 -2.16 1.93 -0.42
CA VAL A 4 -0.97 2.57 -0.98
C VAL A 4 -0.36 1.75 -2.09
N CYS A 5 0.26 2.41 -3.06
CA CYS A 5 0.89 1.73 -4.19
C CYS A 5 2.24 2.35 -4.53
N SER A 6 3.22 1.50 -4.82
CA SER A 6 4.56 1.97 -5.15
C SER A 6 4.64 2.37 -6.62
N GLY A 7 3.98 3.47 -6.97
CA GLY A 7 4.00 3.95 -8.34
C GLY A 7 3.13 5.18 -8.54
N SER A 8 1.88 4.96 -8.95
CA SER A 8 0.96 6.06 -9.19
C SER A 8 -0.33 5.86 -8.39
N THR A 9 -1.22 6.84 -8.46
CA THR A 9 -2.49 6.77 -7.75
C THR A 9 -3.48 5.87 -8.48
N ALA A 10 -3.46 5.92 -9.81
CA ALA A 10 -4.36 5.11 -10.62
C ALA A 10 -4.22 3.63 -10.27
N VAL A 11 -3.00 3.20 -9.97
CA VAL A 11 -2.73 1.82 -9.61
C VAL A 11 -3.01 1.56 -8.13
N ALA A 12 -2.85 2.60 -7.32
CA ALA A 12 -3.08 2.49 -5.88
C ALA A 12 -4.54 2.16 -5.59
N ASN A 13 -5.45 2.92 -6.20
CA ASN A 13 -6.87 2.71 -6.01
C ASN A 13 -7.36 1.47 -6.77
N SER A 14 -6.66 1.15 -7.85
CA SER A 14 -7.01 -0.01 -8.67
C SER A 14 -7.13 -1.26 -7.81
N HIS A 15 -6.24 -1.38 -6.82
CA HIS A 15 -6.26 -2.53 -5.92
C HIS A 15 -7.03 -2.22 -4.64
N ASN A 16 -6.56 -1.22 -3.90
CA ASN A 16 -7.21 -0.83 -2.65
C ASN A 16 -7.40 -2.03 -1.74
N ALA A 17 -8.17 -1.84 -0.68
CA ALA A 17 -8.44 -2.90 0.28
C ALA A 17 -9.58 -2.53 1.21
N GLY A 18 -9.35 -1.54 2.06
CA GLY A 18 -10.37 -1.10 3.00
C GLY A 18 -9.78 -0.40 4.21
N PRO A 19 -10.64 0.28 4.97
CA PRO A 19 -10.23 1.01 6.18
C PRO A 19 -9.82 0.07 7.31
N ALA A 20 -10.20 -1.19 7.20
CA ALA A 20 -9.87 -2.19 8.20
C ALA A 20 -8.72 -3.07 7.74
N TYR A 21 -8.56 -3.20 6.43
CA TYR A 21 -7.49 -4.01 5.86
C TYR A 21 -6.35 -3.14 5.33
N CYS A 22 -5.12 -3.55 5.61
CA CYS A 22 -3.95 -2.81 5.17
C CYS A 22 -3.23 -3.56 4.05
N VAL A 23 -2.83 -2.81 3.02
CA VAL A 23 -2.12 -3.41 1.89
C VAL A 23 -0.99 -2.50 1.42
N GLY A 24 0.24 -3.02 1.48
CA GLY A 24 1.39 -2.25 1.04
C GLY A 24 2.02 -2.79 -0.22
N TYR A 25 1.67 -2.20 -1.36
CA TYR A 25 2.21 -2.63 -2.64
C TYR A 25 3.72 -2.42 -2.70
N CYS A 26 4.47 -3.52 -2.75
CA CYS A 26 5.92 -3.47 -2.80
C CYS A 26 6.44 -4.28 -3.99
N GLY A 27 7.15 -3.60 -4.89
CA GLY A 27 7.69 -4.28 -6.05
C GLY A 27 8.95 -3.61 -6.58
N ASN A 28 9.99 -4.39 -6.81
CA ASN A 28 11.25 -3.86 -7.32
C ASN A 28 11.85 -2.84 -6.35
N ASN A 29 11.74 -3.14 -5.05
CA ASN A 29 12.26 -2.25 -4.02
C ASN A 29 12.99 -3.04 -2.94
N GLY A 30 12.28 -3.98 -2.32
CA GLY A 30 12.87 -4.80 -1.28
C GLY A 30 11.92 -5.03 -0.12
N VAL A 31 12.45 -5.60 0.97
CA VAL A 31 11.64 -5.88 2.15
C VAL A 31 11.31 -4.60 2.90
N VAL A 32 12.30 -3.73 3.05
CA VAL A 32 12.12 -2.46 3.76
C VAL A 32 10.93 -1.70 3.19
N THR A 33 10.96 -1.45 1.89
CA THR A 33 9.88 -0.72 1.22
C THR A 33 8.53 -1.39 1.45
N ARG A 34 8.50 -2.72 1.30
CA ARG A 34 7.27 -3.48 1.49
C ARG A 34 6.64 -3.16 2.84
N ASN A 35 7.48 -2.82 3.81
CA ASN A 35 7.00 -2.48 5.15
C ASN A 35 6.54 -1.02 5.22
N ALA A 36 7.33 -0.13 4.64
CA ALA A 36 7.01 1.29 4.63
C ALA A 36 5.61 1.53 4.08
N ASN A 37 5.28 0.86 2.98
CA ASN A 37 3.97 1.00 2.36
C ASN A 37 2.87 0.49 3.28
N ALA A 38 3.04 -0.73 3.78
CA ALA A 38 2.07 -1.34 4.67
C ALA A 38 1.85 -0.48 5.91
N ASN A 39 2.86 0.31 6.27
CA ASN A 39 2.79 1.19 7.43
C ASN A 39 1.82 2.35 7.18
N VAL A 40 1.75 2.79 5.93
CA VAL A 40 0.87 3.89 5.55
C VAL A 40 -0.57 3.41 5.44
N ALA A 41 -0.75 2.19 4.95
CA ALA A 41 -2.09 1.62 4.79
C ALA A 41 -2.62 1.11 6.12
N LYS A 42 -1.83 0.28 6.79
CA LYS A 42 -2.23 -0.29 8.08
C LYS A 42 -2.67 0.81 9.04
N THR A 43 -2.10 2.00 8.89
CA THR A 43 -2.44 3.13 9.74
C THR A 43 -3.62 3.91 9.16
N ALA A 44 -3.65 4.04 7.84
CA ALA A 44 -4.72 4.77 7.17
C ALA A 44 -6.04 4.00 7.25
N TRP A 1 -9.86 4.18 4.64
CA TRP A 1 -9.36 3.93 3.30
C TRP A 1 -7.84 3.81 3.29
N GLY A 2 -7.34 2.63 3.66
CA GLY A 2 -5.91 2.40 3.70
C GLY A 2 -5.42 1.61 2.50
N CYS A 3 -5.10 2.31 1.43
CA CYS A 3 -4.61 1.67 0.21
C CYS A 3 -3.42 2.42 -0.37
N VAL A 4 -2.26 1.77 -0.36
CA VAL A 4 -1.04 2.38 -0.89
C VAL A 4 -0.45 1.54 -2.02
N CYS A 5 0.22 2.20 -2.95
CA CYS A 5 0.83 1.52 -4.08
C CYS A 5 2.23 2.07 -4.37
N SER A 6 3.11 1.21 -4.86
CA SER A 6 4.48 1.61 -5.16
C SER A 6 4.60 2.07 -6.61
N GLY A 7 3.82 3.09 -6.97
CA GLY A 7 3.85 3.61 -8.33
C GLY A 7 3.06 4.89 -8.48
N SER A 8 1.82 4.77 -8.95
CA SER A 8 0.95 5.92 -9.14
C SER A 8 -0.30 5.83 -8.27
N THR A 9 -1.09 6.89 -8.27
CA THR A 9 -2.31 6.92 -7.48
C THR A 9 -3.44 6.14 -8.15
N ALA A 10 -3.45 6.16 -9.49
CA ALA A 10 -4.46 5.45 -10.24
C ALA A 10 -4.43 3.95 -9.94
N VAL A 11 -3.23 3.42 -9.78
CA VAL A 11 -3.06 1.99 -9.48
C VAL A 11 -3.26 1.72 -8.00
N ALA A 12 -2.96 2.71 -7.16
CA ALA A 12 -3.10 2.58 -5.73
C ALA A 12 -4.56 2.32 -5.35
N ASN A 13 -5.46 3.13 -5.89
CA ASN A 13 -6.89 2.99 -5.60
C ASN A 13 -7.50 1.88 -6.45
N SER A 14 -6.92 1.64 -7.62
CA SER A 14 -7.41 0.60 -8.51
C SER A 14 -7.52 -0.74 -7.79
N HIS A 15 -6.65 -0.94 -6.80
CA HIS A 15 -6.64 -2.18 -6.04
C HIS A 15 -7.40 -2.01 -4.73
N ASN A 16 -6.93 -1.10 -3.88
CA ASN A 16 -7.57 -0.85 -2.59
C ASN A 16 -7.77 -2.15 -1.81
N ALA A 17 -8.54 -2.07 -0.73
CA ALA A 17 -8.81 -3.25 0.10
C ALA A 17 -9.99 -3.00 1.01
N GLY A 18 -9.88 -1.99 1.88
CA GLY A 18 -10.95 -1.68 2.81
C GLY A 18 -10.53 -0.65 3.84
N PRO A 19 -11.52 -0.16 4.61
CA PRO A 19 -11.28 0.85 5.65
C PRO A 19 -10.51 0.28 6.84
N ALA A 20 -10.67 -1.02 7.07
CA ALA A 20 -9.99 -1.69 8.17
C ALA A 20 -8.98 -2.72 7.65
N TYR A 21 -8.53 -2.53 6.42
CA TYR A 21 -7.57 -3.45 5.80
C TYR A 21 -6.30 -2.72 5.41
N CYS A 22 -5.16 -3.37 5.63
CA CYS A 22 -3.86 -2.79 5.31
C CYS A 22 -3.19 -3.56 4.18
N VAL A 23 -2.97 -2.88 3.06
CA VAL A 23 -2.33 -3.50 1.90
C VAL A 23 -1.17 -2.64 1.38
N GLY A 24 0.04 -3.18 1.48
CA GLY A 24 1.21 -2.45 1.01
C GLY A 24 1.84 -3.08 -0.21
N TYR A 25 1.67 -2.44 -1.36
CA TYR A 25 2.22 -2.96 -2.61
C TYR A 25 3.70 -2.60 -2.73
N CYS A 26 4.55 -3.61 -2.71
CA CYS A 26 5.99 -3.41 -2.82
C CYS A 26 6.54 -4.07 -4.09
N GLY A 27 7.26 -3.29 -4.89
CA GLY A 27 7.83 -3.80 -6.12
C GLY A 27 9.14 -4.54 -5.89
N ASN A 28 10.12 -4.26 -6.73
CA ASN A 28 11.43 -4.89 -6.61
C ASN A 28 12.46 -3.92 -6.05
N ASN A 29 12.05 -3.14 -5.06
CA ASN A 29 12.94 -2.17 -4.43
C ASN A 29 13.68 -2.79 -3.26
N GLY A 30 12.95 -3.55 -2.44
CA GLY A 30 13.55 -4.20 -1.29
C GLY A 30 12.54 -4.52 -0.21
N VAL A 31 12.98 -5.24 0.81
CA VAL A 31 12.11 -5.62 1.92
C VAL A 31 11.65 -4.39 2.70
N VAL A 32 12.55 -3.43 2.87
CA VAL A 32 12.24 -2.20 3.59
C VAL A 32 10.99 -1.54 3.03
N THR A 33 10.99 -1.31 1.72
CA THR A 33 9.85 -0.69 1.06
C THR A 33 8.56 -1.43 1.35
N ARG A 34 8.61 -2.76 1.23
CA ARG A 34 7.44 -3.59 1.48
C ARG A 34 6.82 -3.27 2.84
N ASN A 35 7.65 -2.84 3.77
CA ASN A 35 7.18 -2.49 5.12
C ASN A 35 6.62 -1.07 5.15
N ALA A 36 7.33 -0.15 4.50
CA ALA A 36 6.90 1.24 4.46
C ALA A 36 5.49 1.36 3.89
N ASN A 37 5.21 0.60 2.83
CA ASN A 37 3.91 0.62 2.19
C ASN A 37 2.82 0.16 3.16
N ALA A 38 2.94 -1.07 3.63
CA ALA A 38 1.98 -1.63 4.57
C ALA A 38 1.85 -0.76 5.82
N ASN A 39 2.89 0.00 6.12
CA ASN A 39 2.89 0.88 7.27
C ASN A 39 1.96 2.07 7.06
N VAL A 40 1.86 2.52 5.81
CA VAL A 40 1.01 3.64 5.47
C VAL A 40 -0.45 3.22 5.40
N ALA A 41 -0.68 1.97 5.03
CA ALA A 41 -2.03 1.44 4.92
C ALA A 41 -2.55 0.96 6.27
N LYS A 42 -1.76 0.11 6.93
CA LYS A 42 -2.12 -0.41 8.24
C LYS A 42 -2.51 0.71 9.20
N THR A 43 -1.91 1.88 9.00
CA THR A 43 -2.19 3.04 9.85
C THR A 43 -3.47 3.72 9.43
N ALA A 44 -3.74 3.74 8.12
CA ALA A 44 -4.94 4.37 7.59
C ALA A 44 -6.15 3.46 7.75
N TRP A 1 -10.07 5.36 4.38
CA TRP A 1 -9.50 4.68 3.22
C TRP A 1 -8.03 4.34 3.46
N GLY A 2 -7.69 3.08 3.28
CA GLY A 2 -6.32 2.64 3.48
C GLY A 2 -5.81 1.79 2.33
N CYS A 3 -5.25 2.45 1.32
CA CYS A 3 -4.72 1.74 0.15
C CYS A 3 -3.52 2.49 -0.44
N VAL A 4 -2.36 1.86 -0.37
CA VAL A 4 -1.13 2.46 -0.90
C VAL A 4 -0.56 1.63 -2.04
N CYS A 5 0.12 2.29 -2.97
CA CYS A 5 0.73 1.61 -4.10
C CYS A 5 2.10 2.19 -4.42
N SER A 6 3.02 1.33 -4.83
CA SER A 6 4.38 1.75 -5.16
C SER A 6 4.47 2.16 -6.63
N GLY A 7 3.76 3.22 -6.99
CA GLY A 7 3.78 3.69 -8.36
C GLY A 7 2.94 4.95 -8.55
N SER A 8 1.69 4.77 -8.96
CA SER A 8 0.80 5.89 -9.18
C SER A 8 -0.47 5.77 -8.33
N THR A 9 -1.31 6.79 -8.37
CA THR A 9 -2.54 6.79 -7.59
C THR A 9 -3.62 5.94 -8.27
N ALA A 10 -3.66 6.00 -9.60
CA ALA A 10 -4.64 5.23 -10.36
C ALA A 10 -4.55 3.74 -10.02
N VAL A 11 -3.32 3.25 -9.82
CA VAL A 11 -3.10 1.85 -9.48
C VAL A 11 -3.32 1.60 -7.99
N ALA A 12 -3.07 2.62 -7.18
CA ALA A 12 -3.24 2.50 -5.74
C ALA A 12 -4.70 2.22 -5.39
N ASN A 13 -5.61 2.97 -5.99
CA ASN A 13 -7.04 2.80 -5.73
C ASN A 13 -7.59 1.63 -6.53
N SER A 14 -6.97 1.34 -7.67
CA SER A 14 -7.40 0.25 -8.53
C SER A 14 -7.51 -1.06 -7.74
N HIS A 15 -6.62 -1.23 -6.76
CA HIS A 15 -6.61 -2.42 -5.93
C HIS A 15 -7.40 -2.19 -4.64
N ASN A 16 -6.94 -1.25 -3.83
CA ASN A 16 -7.59 -0.94 -2.57
C ASN A 16 -7.81 -2.20 -1.74
N ALA A 17 -8.59 -2.08 -0.68
CA ALA A 17 -8.88 -3.21 0.20
C ALA A 17 -10.01 -2.88 1.16
N GLY A 18 -9.86 -1.78 1.89
CA GLY A 18 -10.89 -1.38 2.84
C GLY A 18 -10.31 -0.61 4.01
N PRO A 19 -11.21 0.02 4.80
CA PRO A 19 -10.80 0.81 5.97
C PRO A 19 -10.26 -0.07 7.10
N ALA A 20 -10.80 -1.28 7.21
CA ALA A 20 -10.38 -2.22 8.24
C ALA A 20 -9.35 -3.20 7.70
N TYR A 21 -8.65 -2.80 6.65
CA TYR A 21 -7.65 -3.66 6.03
C TYR A 21 -6.41 -2.85 5.66
N CYS A 22 -5.23 -3.44 5.87
CA CYS A 22 -3.97 -2.77 5.54
C CYS A 22 -3.24 -3.51 4.43
N VAL A 23 -3.00 -2.83 3.32
CA VAL A 23 -2.31 -3.42 2.19
C VAL A 23 -1.16 -2.53 1.73
N GLY A 24 0.00 -3.13 1.48
CA GLY A 24 1.15 -2.39 1.03
C GLY A 24 1.81 -3.00 -0.18
N TYR A 25 1.64 -2.36 -1.34
CA TYR A 25 2.22 -2.87 -2.58
C TYR A 25 3.71 -2.52 -2.66
N CYS A 26 4.52 -3.55 -2.87
CA CYS A 26 5.97 -3.37 -2.96
C CYS A 26 6.51 -4.03 -4.22
N GLY A 27 7.64 -3.51 -4.72
CA GLY A 27 8.25 -4.08 -5.92
C GLY A 27 9.57 -4.77 -5.62
N ASN A 28 10.60 -4.40 -6.37
CA ASN A 28 11.92 -5.00 -6.19
C ASN A 28 12.90 -3.97 -5.64
N ASN A 29 12.41 -3.09 -4.77
CA ASN A 29 13.26 -2.06 -4.17
C ASN A 29 13.94 -2.59 -2.91
N GLY A 30 13.21 -3.39 -2.14
CA GLY A 30 13.78 -3.95 -0.92
C GLY A 30 12.72 -4.28 0.11
N VAL A 31 13.05 -5.15 1.05
CA VAL A 31 12.11 -5.55 2.09
C VAL A 31 11.60 -4.35 2.86
N VAL A 32 12.48 -3.39 3.11
CA VAL A 32 12.11 -2.18 3.83
C VAL A 32 10.89 -1.51 3.20
N THR A 33 10.98 -1.23 1.91
CA THR A 33 9.90 -0.59 1.18
C THR A 33 8.59 -1.34 1.38
N ARG A 34 8.64 -2.66 1.20
CA ARG A 34 7.46 -3.50 1.36
C ARG A 34 6.78 -3.23 2.70
N ASN A 35 7.58 -2.85 3.70
CA ASN A 35 7.05 -2.57 5.03
C ASN A 35 6.49 -1.15 5.10
N ALA A 36 7.22 -0.21 4.52
CA ALA A 36 6.80 1.18 4.52
C ALA A 36 5.39 1.34 3.95
N ASN A 37 5.13 0.66 2.83
CA ASN A 37 3.83 0.72 2.18
C ASN A 37 2.73 0.25 3.14
N ALA A 38 2.85 -0.97 3.62
CA ALA A 38 1.88 -1.53 4.54
C ALA A 38 1.73 -0.66 5.79
N ASN A 39 2.78 0.08 6.11
CA ASN A 39 2.77 0.96 7.27
C ASN A 39 1.84 2.15 7.05
N VAL A 40 1.71 2.57 5.80
CA VAL A 40 0.85 3.70 5.45
C VAL A 40 -0.62 3.28 5.42
N ALA A 41 -0.85 2.02 5.06
CA ALA A 41 -2.21 1.50 4.99
C ALA A 41 -2.69 1.02 6.36
N LYS A 42 -1.88 0.18 7.00
CA LYS A 42 -2.21 -0.35 8.32
C LYS A 42 -2.48 0.77 9.30
N THR A 43 -1.87 1.93 9.06
CA THR A 43 -2.05 3.09 9.93
C THR A 43 -3.22 3.95 9.47
N ALA A 44 -3.53 3.87 8.18
CA ALA A 44 -4.63 4.65 7.61
C ALA A 44 -5.96 4.23 8.21
N TRP A 1 -9.86 2.71 4.34
CA TRP A 1 -9.41 3.69 3.35
C TRP A 1 -7.89 3.74 3.29
N GLY A 2 -7.25 2.64 3.65
CA GLY A 2 -5.80 2.58 3.63
C GLY A 2 -5.27 1.79 2.44
N CYS A 3 -4.98 2.48 1.35
CA CYS A 3 -4.47 1.84 0.14
C CYS A 3 -3.30 2.63 -0.44
N VAL A 4 -2.12 2.03 -0.43
CA VAL A 4 -0.92 2.66 -0.96
C VAL A 4 -0.32 1.85 -2.09
N CYS A 5 0.30 2.55 -3.04
CA CYS A 5 0.92 1.89 -4.20
C CYS A 5 2.26 2.54 -4.53
N SER A 6 3.21 1.71 -4.96
CA SER A 6 4.54 2.20 -5.31
C SER A 6 4.62 2.57 -6.79
N GLY A 7 3.73 3.47 -7.21
CA GLY A 7 3.71 3.89 -8.59
C GLY A 7 2.85 5.12 -8.81
N SER A 8 1.61 4.91 -9.26
CA SER A 8 0.69 6.01 -9.52
C SER A 8 -0.54 5.90 -8.63
N THR A 9 -1.41 6.90 -8.71
CA THR A 9 -2.63 6.93 -7.92
C THR A 9 -3.69 6.01 -8.52
N ALA A 10 -3.72 5.94 -9.85
CA ALA A 10 -4.68 5.10 -10.54
C ALA A 10 -4.54 3.63 -10.12
N VAL A 11 -3.31 3.20 -9.91
CA VAL A 11 -3.03 1.82 -9.50
C VAL A 11 -3.23 1.64 -8.00
N ALA A 12 -2.98 2.71 -7.24
CA ALA A 12 -3.14 2.68 -5.80
C ALA A 12 -4.57 2.33 -5.41
N ASN A 13 -5.54 3.00 -6.03
CA ASN A 13 -6.95 2.77 -5.75
C ASN A 13 -7.44 1.53 -6.49
N SER A 14 -6.81 1.21 -7.61
CA SER A 14 -7.19 0.06 -8.41
C SER A 14 -7.26 -1.20 -7.55
N HIS A 15 -6.26 -1.38 -6.70
CA HIS A 15 -6.19 -2.54 -5.82
C HIS A 15 -7.01 -2.30 -4.55
N ASN A 16 -6.62 -1.29 -3.78
CA ASN A 16 -7.31 -0.97 -2.54
C ASN A 16 -7.45 -2.19 -1.66
N ALA A 17 -8.25 -2.08 -0.60
CA ALA A 17 -8.46 -3.18 0.33
C ALA A 17 -9.64 -2.90 1.26
N GLY A 18 -9.62 -1.74 1.90
CA GLY A 18 -10.69 -1.36 2.80
C GLY A 18 -10.17 -0.81 4.11
N PRO A 19 -11.09 -0.28 4.93
CA PRO A 19 -10.74 0.30 6.25
C PRO A 19 -10.32 -0.77 7.25
N ALA A 20 -10.83 -1.99 7.07
CA ALA A 20 -10.50 -3.09 7.96
C ALA A 20 -9.40 -3.96 7.38
N TYR A 21 -8.60 -3.38 6.49
CA TYR A 21 -7.51 -4.11 5.85
C TYR A 21 -6.37 -3.16 5.48
N CYS A 22 -5.16 -3.70 5.42
CA CYS A 22 -3.98 -2.91 5.08
C CYS A 22 -3.18 -3.57 3.96
N VAL A 23 -2.85 -2.80 2.93
CA VAL A 23 -2.08 -3.32 1.80
C VAL A 23 -0.94 -2.38 1.43
N GLY A 24 0.25 -2.95 1.23
CA GLY A 24 1.40 -2.14 0.88
C GLY A 24 2.12 -2.67 -0.34
N TYR A 25 1.93 -2.01 -1.48
CA TYR A 25 2.56 -2.43 -2.73
C TYR A 25 4.05 -2.11 -2.71
N CYS A 26 4.87 -3.13 -2.55
CA CYS A 26 6.32 -2.95 -2.52
C CYS A 26 7.03 -4.30 -2.63
N GLY A 27 7.02 -4.88 -3.82
CA GLY A 27 7.69 -6.15 -4.04
C GLY A 27 8.62 -6.14 -5.23
N ASN A 28 9.21 -4.97 -5.49
CA ASN A 28 10.14 -4.82 -6.60
C ASN A 28 11.26 -3.86 -6.26
N ASN A 29 11.66 -3.84 -4.99
CA ASN A 29 12.72 -2.95 -4.53
C ASN A 29 13.44 -3.56 -3.32
N GLY A 30 12.70 -3.77 -2.24
CA GLY A 30 13.29 -4.34 -1.04
C GLY A 30 12.27 -4.57 0.05
N VAL A 31 12.70 -5.19 1.15
CA VAL A 31 11.82 -5.46 2.27
C VAL A 31 11.45 -4.18 3.01
N VAL A 32 12.39 -3.26 3.08
CA VAL A 32 12.16 -1.99 3.77
C VAL A 32 10.92 -1.29 3.25
N THR A 33 10.87 -1.07 1.93
CA THR A 33 9.73 -0.42 1.31
C THR A 33 8.44 -1.15 1.61
N ARG A 34 8.48 -2.48 1.50
CA ARG A 34 7.31 -3.30 1.77
C ARG A 34 6.70 -2.98 3.13
N ASN A 35 7.56 -2.56 4.05
CA ASN A 35 7.12 -2.22 5.40
C ASN A 35 6.57 -0.80 5.45
N ALA A 36 7.27 0.12 4.79
CA ALA A 36 6.86 1.52 4.75
C ALA A 36 5.47 1.66 4.13
N ASN A 37 5.22 0.89 3.07
CA ASN A 37 3.93 0.94 2.38
C ASN A 37 2.82 0.43 3.28
N ALA A 38 2.94 -0.80 3.75
CA ALA A 38 1.94 -1.40 4.62
C ALA A 38 1.71 -0.55 5.86
N ASN A 39 2.72 0.24 6.23
CA ASN A 39 2.63 1.11 7.40
C ASN A 39 1.68 2.28 7.13
N VAL A 40 1.65 2.74 5.88
CA VAL A 40 0.79 3.84 5.50
C VAL A 40 -0.65 3.38 5.32
N ALA A 41 -0.83 2.13 4.91
CA ALA A 41 -2.15 1.57 4.71
C ALA A 41 -2.74 1.05 6.02
N LYS A 42 -1.97 0.23 6.74
CA LYS A 42 -2.41 -0.32 8.00
C LYS A 42 -2.89 0.79 8.94
N THR A 43 -2.29 1.97 8.82
CA THR A 43 -2.65 3.10 9.66
C THR A 43 -3.93 3.77 9.16
N ALA A 44 -4.07 3.84 7.84
CA ALA A 44 -5.24 4.46 7.22
C ALA A 44 -6.41 3.47 7.17
N TRP A 1 -10.11 4.42 4.37
CA TRP A 1 -9.46 3.91 3.18
C TRP A 1 -7.96 3.70 3.42
N GLY A 2 -7.51 2.46 3.29
CA GLY A 2 -6.11 2.15 3.51
C GLY A 2 -5.51 1.35 2.37
N CYS A 3 -4.95 2.04 1.38
CA CYS A 3 -4.34 1.39 0.23
C CYS A 3 -3.17 2.21 -0.31
N VAL A 4 -1.97 1.65 -0.22
CA VAL A 4 -0.78 2.33 -0.70
C VAL A 4 -0.10 1.52 -1.81
N CYS A 5 0.57 2.22 -2.71
CA CYS A 5 1.27 1.57 -3.82
C CYS A 5 2.60 2.25 -4.10
N SER A 6 3.59 1.46 -4.49
CA SER A 6 4.92 1.99 -4.78
C SER A 6 5.00 2.49 -6.23
N GLY A 7 4.08 3.37 -6.60
CA GLY A 7 4.05 3.91 -7.94
C GLY A 7 3.15 5.12 -8.08
N SER A 8 2.01 4.93 -8.75
CA SER A 8 1.06 6.01 -8.95
C SER A 8 -0.20 5.79 -8.11
N THR A 9 -1.11 6.75 -8.15
CA THR A 9 -2.35 6.66 -7.39
C THR A 9 -3.36 5.76 -8.10
N ALA A 10 -3.27 5.68 -9.41
CA ALA A 10 -4.16 4.85 -10.21
C ALA A 10 -3.96 3.38 -9.89
N VAL A 11 -2.70 3.01 -9.61
CA VAL A 11 -2.37 1.62 -9.30
C VAL A 11 -2.63 1.31 -7.83
N ALA A 12 -2.47 2.33 -6.98
CA ALA A 12 -2.68 2.17 -5.55
C ALA A 12 -4.12 1.76 -5.25
N ASN A 13 -5.07 2.48 -5.85
CA ASN A 13 -6.49 2.19 -5.64
C ASN A 13 -6.92 0.97 -6.46
N SER A 14 -6.21 0.72 -7.56
CA SER A 14 -6.52 -0.40 -8.42
C SER A 14 -6.59 -1.70 -7.62
N HIS A 15 -5.81 -1.77 -6.54
CA HIS A 15 -5.79 -2.95 -5.69
C HIS A 15 -6.67 -2.76 -4.47
N ASN A 16 -6.33 -1.78 -3.64
CA ASN A 16 -7.11 -1.49 -2.44
C ASN A 16 -7.30 -2.75 -1.60
N ALA A 17 -8.16 -2.66 -0.60
CA ALA A 17 -8.43 -3.80 0.28
C ALA A 17 -9.64 -3.54 1.16
N GLY A 18 -9.73 -2.31 1.67
CA GLY A 18 -10.85 -1.95 2.53
C GLY A 18 -10.57 -0.70 3.34
N PRO A 19 -11.63 -0.13 3.94
CA PRO A 19 -11.53 1.08 4.75
C PRO A 19 -10.79 0.83 6.07
N ALA A 20 -11.08 -0.30 6.70
CA ALA A 20 -10.44 -0.66 7.96
C ALA A 20 -9.38 -1.73 7.75
N TYR A 21 -8.84 -1.81 6.53
CA TYR A 21 -7.82 -2.79 6.21
C TYR A 21 -6.51 -2.10 5.87
N CYS A 22 -5.40 -2.81 6.09
CA CYS A 22 -4.08 -2.27 5.81
C CYS A 22 -3.31 -3.20 4.87
N VAL A 23 -2.85 -2.65 3.75
CA VAL A 23 -2.11 -3.42 2.77
C VAL A 23 -0.98 -2.59 2.15
N GLY A 24 0.13 -3.25 1.84
CA GLY A 24 1.27 -2.55 1.25
C GLY A 24 1.77 -3.23 0.00
N TYR A 25 1.70 -2.52 -1.13
CA TYR A 25 2.16 -3.07 -2.41
C TYR A 25 3.49 -2.47 -2.80
N CYS A 26 4.53 -3.30 -2.81
CA CYS A 26 5.88 -2.85 -3.17
C CYS A 26 6.33 -3.51 -4.47
N GLY A 27 7.00 -2.73 -5.32
CA GLY A 27 7.48 -3.26 -6.58
C GLY A 27 8.75 -2.57 -7.05
N ASN A 28 9.75 -3.36 -7.42
CA ASN A 28 11.02 -2.82 -7.88
C ASN A 28 11.70 -2.01 -6.79
N ASN A 29 11.40 -2.35 -5.53
CA ASN A 29 11.99 -1.67 -4.39
C ASN A 29 12.76 -2.63 -3.50
N GLY A 30 12.03 -3.55 -2.88
CA GLY A 30 12.65 -4.53 -2.00
C GLY A 30 11.74 -4.99 -0.89
N VAL A 31 12.31 -5.58 0.15
CA VAL A 31 11.53 -6.06 1.29
C VAL A 31 11.30 -4.95 2.31
N VAL A 32 12.32 -4.13 2.53
CA VAL A 32 12.23 -3.03 3.47
C VAL A 32 11.02 -2.15 3.18
N THR A 33 11.02 -1.52 2.01
CA THR A 33 9.93 -0.65 1.60
C THR A 33 8.61 -1.40 1.58
N ARG A 34 8.64 -2.63 1.10
CA ARG A 34 7.44 -3.47 1.03
C ARG A 34 6.73 -3.52 2.37
N ASN A 35 7.50 -3.40 3.45
CA ASN A 35 6.95 -3.43 4.80
C ASN A 35 6.42 -2.06 5.20
N ALA A 36 7.24 -1.03 4.99
CA ALA A 36 6.85 0.34 5.33
C ALA A 36 5.50 0.68 4.72
N ASN A 37 5.24 0.18 3.52
CA ASN A 37 3.98 0.43 2.82
C ASN A 37 2.79 0.13 3.73
N ALA A 38 2.79 -1.05 4.33
CA ALA A 38 1.71 -1.46 5.21
C ALA A 38 1.54 -0.48 6.36
N ASN A 39 2.62 0.24 6.70
CA ASN A 39 2.59 1.21 7.78
C ASN A 39 1.76 2.43 7.39
N VAL A 40 1.78 2.76 6.11
CA VAL A 40 1.03 3.91 5.59
C VAL A 40 -0.45 3.57 5.47
N ALA A 41 -0.75 2.31 5.19
CA ALA A 41 -2.13 1.87 5.05
C ALA A 41 -2.75 1.55 6.40
N LYS A 42 -2.06 0.73 7.19
CA LYS A 42 -2.54 0.34 8.51
C LYS A 42 -2.91 1.57 9.33
N THR A 43 -2.23 2.69 9.07
CA THR A 43 -2.49 3.93 9.79
C THR A 43 -3.69 4.66 9.19
N ALA A 44 -3.82 4.60 7.88
CA ALA A 44 -4.93 5.26 7.19
C ALA A 44 -6.23 4.48 7.37
N TRP A 1 -10.96 4.07 4.26
CA TRP A 1 -10.03 4.34 3.17
C TRP A 1 -8.61 3.99 3.58
N GLY A 2 -8.12 2.87 3.06
CA GLY A 2 -6.76 2.44 3.37
C GLY A 2 -6.13 1.64 2.25
N CYS A 3 -5.44 2.33 1.34
CA CYS A 3 -4.79 1.66 0.22
C CYS A 3 -3.58 2.47 -0.25
N VAL A 4 -2.41 1.84 -0.23
CA VAL A 4 -1.18 2.50 -0.66
C VAL A 4 -0.54 1.76 -1.82
N CYS A 5 0.16 2.50 -2.67
CA CYS A 5 0.82 1.92 -3.84
C CYS A 5 2.18 2.58 -4.08
N SER A 6 3.13 1.79 -4.57
CA SER A 6 4.46 2.29 -4.84
C SER A 6 4.60 2.74 -6.30
N GLY A 7 3.78 3.71 -6.68
CA GLY A 7 3.83 4.22 -8.04
C GLY A 7 2.95 5.43 -8.23
N SER A 8 1.68 5.21 -8.54
CA SER A 8 0.73 6.31 -8.75
C SER A 8 -0.55 6.08 -7.95
N THR A 9 -1.44 7.07 -7.98
CA THR A 9 -2.71 6.98 -7.27
C THR A 9 -3.69 6.08 -8.00
N ALA A 10 -3.72 6.21 -9.33
CA ALA A 10 -4.62 5.40 -10.15
C ALA A 10 -4.47 3.92 -9.84
N VAL A 11 -3.23 3.48 -9.63
CA VAL A 11 -2.95 2.08 -9.31
C VAL A 11 -3.19 1.79 -7.83
N ALA A 12 -2.99 2.80 -7.00
CA ALA A 12 -3.18 2.65 -5.56
C ALA A 12 -4.62 2.25 -5.25
N ASN A 13 -5.58 2.97 -5.82
CA ASN A 13 -6.99 2.69 -5.60
C ASN A 13 -7.44 1.50 -6.44
N SER A 14 -6.77 1.28 -7.57
CA SER A 14 -7.12 0.18 -8.46
C SER A 14 -7.16 -1.14 -7.70
N HIS A 15 -6.30 -1.26 -6.68
CA HIS A 15 -6.25 -2.48 -5.87
C HIS A 15 -7.12 -2.34 -4.63
N ASN A 16 -6.77 -1.37 -3.78
CA ASN A 16 -7.52 -1.15 -2.54
C ASN A 16 -7.68 -2.44 -1.75
N ALA A 17 -8.52 -2.39 -0.73
CA ALA A 17 -8.78 -3.56 0.10
C ALA A 17 -9.96 -3.33 1.04
N GLY A 18 -9.92 -2.25 1.79
CA GLY A 18 -10.99 -1.93 2.71
C GLY A 18 -10.57 -0.96 3.79
N PRO A 19 -11.55 -0.43 4.54
CA PRO A 19 -11.30 0.52 5.62
C PRO A 19 -10.59 -0.13 6.81
N ALA A 20 -10.83 -1.42 7.01
CA ALA A 20 -10.22 -2.16 8.12
C ALA A 20 -9.18 -3.13 7.60
N TYR A 21 -8.64 -2.86 6.42
CA TYR A 21 -7.63 -3.72 5.82
C TYR A 21 -6.36 -2.93 5.48
N CYS A 22 -5.21 -3.52 5.78
CA CYS A 22 -3.94 -2.87 5.52
C CYS A 22 -3.18 -3.58 4.40
N VAL A 23 -2.99 -2.89 3.28
CA VAL A 23 -2.29 -3.46 2.14
C VAL A 23 -1.15 -2.55 1.68
N GLY A 24 0.00 -3.14 1.41
CA GLY A 24 1.15 -2.38 0.96
C GLY A 24 1.79 -2.95 -0.29
N TYR A 25 1.81 -2.16 -1.36
CA TYR A 25 2.39 -2.60 -2.61
C TYR A 25 3.92 -2.67 -2.52
N CYS A 26 4.47 -3.87 -2.74
CA CYS A 26 5.90 -4.07 -2.68
C CYS A 26 6.35 -5.11 -3.71
N GLY A 27 7.52 -4.87 -4.30
CA GLY A 27 8.04 -5.80 -5.30
C GLY A 27 9.17 -5.19 -6.10
N ASN A 28 10.25 -5.96 -6.29
CA ASN A 28 11.40 -5.50 -7.04
C ASN A 28 12.00 -4.25 -6.40
N ASN A 29 11.82 -4.11 -5.10
CA ASN A 29 12.35 -2.97 -4.36
C ASN A 29 13.16 -3.42 -3.16
N GLY A 30 12.54 -4.21 -2.30
CA GLY A 30 13.22 -4.71 -1.10
C GLY A 30 12.27 -4.97 0.04
N VAL A 31 12.82 -5.20 1.23
CA VAL A 31 12.01 -5.48 2.41
C VAL A 31 11.55 -4.18 3.06
N VAL A 32 12.45 -3.21 3.16
CA VAL A 32 12.13 -1.92 3.78
C VAL A 32 10.88 -1.31 3.14
N THR A 33 10.93 -1.14 1.82
CA THR A 33 9.80 -0.56 1.09
C THR A 33 8.52 -1.33 1.37
N ARG A 34 8.59 -2.65 1.28
CA ARG A 34 7.44 -3.51 1.53
C ARG A 34 6.78 -3.17 2.86
N ASN A 35 7.59 -2.70 3.81
CA ASN A 35 7.09 -2.34 5.13
C ASN A 35 6.50 -0.93 5.12
N ALA A 36 7.23 0.00 4.52
CA ALA A 36 6.78 1.39 4.45
C ALA A 36 5.38 1.48 3.88
N ASN A 37 5.11 0.69 2.84
CA ASN A 37 3.80 0.68 2.20
C ASN A 37 2.72 0.22 3.18
N ALA A 38 2.87 -1.00 3.68
CA ALA A 38 1.92 -1.56 4.62
C ALA A 38 1.75 -0.65 5.85
N ASN A 39 2.80 0.12 6.14
CA ASN A 39 2.76 1.03 7.28
C ASN A 39 1.81 2.20 7.03
N VAL A 40 1.69 2.60 5.77
CA VAL A 40 0.82 3.70 5.40
C VAL A 40 -0.64 3.25 5.35
N ALA A 41 -0.84 1.97 5.03
CA ALA A 41 -2.18 1.42 4.94
C ALA A 41 -2.68 0.97 6.32
N LYS A 42 -1.86 0.16 6.99
CA LYS A 42 -2.22 -0.35 8.32
C LYS A 42 -2.61 0.80 9.25
N THR A 43 -1.99 1.96 9.04
CA THR A 43 -2.27 3.13 9.86
C THR A 43 -3.47 3.91 9.33
N ALA A 44 -3.64 3.89 8.01
CA ALA A 44 -4.74 4.59 7.37
C ALA A 44 -6.06 3.89 7.67
N TRP A 1 -10.38 4.02 4.95
CA TRP A 1 -9.81 3.38 3.78
C TRP A 1 -8.29 3.56 3.74
N GLY A 2 -7.57 2.47 3.59
CA GLY A 2 -6.12 2.53 3.54
C GLY A 2 -5.54 1.71 2.40
N CYS A 3 -5.10 2.39 1.35
CA CYS A 3 -4.52 1.73 0.19
C CYS A 3 -3.38 2.55 -0.39
N VAL A 4 -2.18 1.96 -0.40
CA VAL A 4 -1.00 2.64 -0.93
C VAL A 4 -0.37 1.83 -2.07
N CYS A 5 0.23 2.53 -3.02
CA CYS A 5 0.86 1.88 -4.16
C CYS A 5 2.19 2.55 -4.49
N SER A 6 3.19 1.75 -4.85
CA SER A 6 4.51 2.27 -5.19
C SER A 6 4.56 2.68 -6.66
N GLY A 7 3.64 3.54 -7.06
CA GLY A 7 3.60 4.01 -8.44
C GLY A 7 2.69 5.22 -8.62
N SER A 8 1.54 5.00 -9.23
CA SER A 8 0.58 6.08 -9.47
C SER A 8 -0.65 5.91 -8.60
N THR A 9 -1.56 6.90 -8.66
CA THR A 9 -2.77 6.86 -7.88
C THR A 9 -3.81 5.94 -8.51
N ALA A 10 -3.73 5.79 -9.83
CA ALA A 10 -4.66 4.93 -10.56
C ALA A 10 -4.47 3.46 -10.17
N VAL A 11 -3.22 3.08 -9.92
CA VAL A 11 -2.91 1.70 -9.53
C VAL A 11 -3.13 1.48 -8.05
N ALA A 12 -2.97 2.54 -7.26
CA ALA A 12 -3.16 2.46 -5.82
C ALA A 12 -4.60 2.07 -5.47
N ASN A 13 -5.55 2.75 -6.10
CA ASN A 13 -6.96 2.48 -5.86
C ASN A 13 -7.41 1.22 -6.61
N SER A 14 -6.73 0.92 -7.71
CA SER A 14 -7.06 -0.25 -8.52
C SER A 14 -7.11 -1.51 -7.65
N HIS A 15 -6.16 -1.62 -6.74
CA HIS A 15 -6.10 -2.79 -5.84
C HIS A 15 -6.89 -2.53 -4.56
N ASN A 16 -6.47 -1.51 -3.81
CA ASN A 16 -7.13 -1.16 -2.56
C ASN A 16 -7.28 -2.39 -1.66
N ALA A 17 -8.07 -2.24 -0.60
CA ALA A 17 -8.29 -3.34 0.35
C ALA A 17 -9.54 -3.09 1.18
N GLY A 18 -9.53 -2.01 1.96
CA GLY A 18 -10.67 -1.69 2.79
C GLY A 18 -10.26 -1.01 4.09
N PRO A 19 -11.24 -0.43 4.79
CA PRO A 19 -11.01 0.27 6.06
C PRO A 19 -10.63 -0.69 7.18
N ALA A 20 -11.00 -1.96 7.02
CA ALA A 20 -10.70 -2.97 8.02
C ALA A 20 -9.54 -3.87 7.58
N TYR A 21 -8.69 -3.33 6.70
CA TYR A 21 -7.55 -4.07 6.19
C TYR A 21 -6.40 -3.13 5.85
N CYS A 22 -5.24 -3.71 5.55
CA CYS A 22 -4.06 -2.92 5.21
C CYS A 22 -3.24 -3.61 4.13
N VAL A 23 -2.85 -2.84 3.12
CA VAL A 23 -2.05 -3.38 2.02
C VAL A 23 -0.93 -2.43 1.64
N GLY A 24 0.25 -3.00 1.35
CA GLY A 24 1.39 -2.19 0.98
C GLY A 24 2.08 -2.70 -0.27
N TYR A 25 1.81 -2.05 -1.40
CA TYR A 25 2.41 -2.45 -2.67
C TYR A 25 3.88 -2.04 -2.73
N CYS A 26 4.76 -3.03 -2.79
CA CYS A 26 6.20 -2.78 -2.85
C CYS A 26 6.96 -4.07 -3.08
N GLY A 27 6.61 -4.79 -4.14
CA GLY A 27 7.27 -6.04 -4.45
C GLY A 27 8.22 -5.92 -5.63
N ASN A 28 9.08 -4.90 -5.59
CA ASN A 28 10.04 -4.67 -6.67
C ASN A 28 11.09 -3.65 -6.24
N ASN A 29 11.41 -3.63 -4.95
CA ASN A 29 12.40 -2.71 -4.42
C ASN A 29 13.18 -3.36 -3.28
N GLY A 30 12.46 -3.90 -2.30
CA GLY A 30 13.11 -4.54 -1.18
C GLY A 30 12.14 -4.89 -0.07
N VAL A 31 12.66 -5.27 1.09
CA VAL A 31 11.83 -5.63 2.23
C VAL A 31 11.39 -4.41 3.00
N VAL A 32 12.32 -3.47 3.21
CA VAL A 32 12.03 -2.24 3.93
C VAL A 32 10.84 -1.51 3.33
N THR A 33 10.90 -1.27 2.03
CA THR A 33 9.83 -0.57 1.33
C THR A 33 8.50 -1.29 1.53
N ARG A 34 8.50 -2.60 1.32
CA ARG A 34 7.29 -3.41 1.47
C ARG A 34 6.64 -3.15 2.83
N ASN A 35 7.46 -2.82 3.82
CA ASN A 35 6.95 -2.55 5.16
C ASN A 35 6.45 -1.10 5.27
N ALA A 36 7.21 -0.17 4.72
CA ALA A 36 6.83 1.23 4.74
C ALA A 36 5.45 1.45 4.14
N ASN A 37 5.16 0.71 3.07
CA ASN A 37 3.87 0.83 2.40
C ASN A 37 2.74 0.37 3.30
N ALA A 38 2.85 -0.87 3.78
CA ALA A 38 1.83 -1.44 4.67
C ALA A 38 1.61 -0.57 5.89
N ASN A 39 2.64 0.21 6.25
CA ASN A 39 2.55 1.10 7.40
C ASN A 39 1.62 2.27 7.12
N VAL A 40 1.60 2.72 5.87
CA VAL A 40 0.75 3.83 5.47
C VAL A 40 -0.70 3.39 5.30
N ALA A 41 -0.89 2.13 4.93
CA ALA A 41 -2.22 1.59 4.74
C ALA A 41 -2.81 1.11 6.07
N LYS A 42 -2.06 0.29 6.78
CA LYS A 42 -2.51 -0.24 8.06
C LYS A 42 -2.95 0.89 8.99
N THR A 43 -2.31 2.05 8.86
CA THR A 43 -2.63 3.20 9.68
C THR A 43 -3.77 4.02 9.07
N ALA A 44 -3.82 4.03 7.74
CA ALA A 44 -4.86 4.77 7.03
C ALA A 44 -6.18 4.01 7.06
N TRP A 1 -10.36 4.31 4.13
CA TRP A 1 -9.61 4.52 2.90
C TRP A 1 -8.13 4.18 3.10
N GLY A 2 -7.85 2.89 3.28
CA GLY A 2 -6.48 2.46 3.49
C GLY A 2 -5.95 1.64 2.32
N CYS A 3 -5.31 2.31 1.37
CA CYS A 3 -4.76 1.63 0.20
C CYS A 3 -3.58 2.41 -0.37
N VAL A 4 -2.40 1.80 -0.30
CA VAL A 4 -1.19 2.43 -0.81
C VAL A 4 -0.57 1.61 -1.93
N CYS A 5 0.10 2.28 -2.87
CA CYS A 5 0.74 1.62 -3.99
C CYS A 5 2.10 2.25 -4.30
N SER A 6 3.04 1.42 -4.72
CA SER A 6 4.38 1.89 -5.05
C SER A 6 4.46 2.34 -6.51
N GLY A 7 3.86 3.48 -6.81
CA GLY A 7 3.86 4.00 -8.17
C GLY A 7 3.00 5.23 -8.32
N SER A 8 1.72 5.03 -8.62
CA SER A 8 0.79 6.13 -8.80
C SER A 8 -0.49 5.92 -7.98
N THR A 9 -1.34 6.93 -7.95
CA THR A 9 -2.59 6.85 -7.20
C THR A 9 -3.63 6.03 -7.96
N ALA A 10 -3.58 6.11 -9.29
CA ALA A 10 -4.52 5.36 -10.12
C ALA A 10 -4.42 3.86 -9.87
N VAL A 11 -3.19 3.39 -9.63
CA VAL A 11 -2.95 1.97 -9.38
C VAL A 11 -3.20 1.64 -7.92
N ALA A 12 -3.00 2.61 -7.04
CA ALA A 12 -3.20 2.42 -5.62
C ALA A 12 -4.66 2.10 -5.30
N ASN A 13 -5.57 2.89 -5.87
CA ASN A 13 -7.00 2.68 -5.66
C ASN A 13 -7.52 1.53 -6.52
N SER A 14 -6.85 1.29 -7.64
CA SER A 14 -7.25 0.23 -8.55
C SER A 14 -7.39 -1.10 -7.80
N HIS A 15 -6.60 -1.26 -6.76
CA HIS A 15 -6.64 -2.48 -5.95
C HIS A 15 -7.41 -2.26 -4.66
N ASN A 16 -6.93 -1.33 -3.84
CA ASN A 16 -7.58 -1.03 -2.57
C ASN A 16 -7.80 -2.29 -1.75
N ALA A 17 -8.58 -2.17 -0.69
CA ALA A 17 -8.88 -3.31 0.18
C ALA A 17 -10.02 -2.99 1.13
N GLY A 18 -9.87 -1.90 1.88
CA GLY A 18 -10.90 -1.51 2.83
C GLY A 18 -10.35 -0.71 3.99
N PRO A 19 -11.25 -0.09 4.77
CA PRO A 19 -10.86 0.72 5.92
C PRO A 19 -10.30 -0.11 7.07
N ALA A 20 -10.76 -1.36 7.16
CA ALA A 20 -10.30 -2.27 8.20
C ALA A 20 -9.27 -3.27 7.66
N TYR A 21 -8.61 -2.88 6.58
CA TYR A 21 -7.60 -3.73 5.96
C TYR A 21 -6.37 -2.94 5.56
N CYS A 22 -5.20 -3.54 5.73
CA CYS A 22 -3.94 -2.89 5.39
C CYS A 22 -3.22 -3.64 4.28
N VAL A 23 -3.00 -2.94 3.16
CA VAL A 23 -2.32 -3.53 2.02
C VAL A 23 -1.19 -2.64 1.52
N GLY A 24 0.04 -3.16 1.59
CA GLY A 24 1.18 -2.40 1.15
C GLY A 24 1.80 -2.96 -0.12
N TYR A 25 1.57 -2.28 -1.23
CA TYR A 25 2.10 -2.72 -2.52
C TYR A 25 3.61 -2.49 -2.59
N CYS A 26 4.36 -3.58 -2.68
CA CYS A 26 5.82 -3.51 -2.76
C CYS A 26 6.34 -4.28 -3.97
N GLY A 27 6.97 -3.55 -4.89
CA GLY A 27 7.51 -4.17 -6.09
C GLY A 27 8.87 -4.82 -5.84
N ASN A 28 9.80 -4.59 -6.76
CA ASN A 28 11.15 -5.15 -6.64
C ASN A 28 12.13 -4.11 -6.13
N ASN A 29 11.65 -3.25 -5.22
CA ASN A 29 12.51 -2.21 -4.66
C ASN A 29 13.29 -2.74 -3.46
N GLY A 30 12.71 -3.69 -2.74
CA GLY A 30 13.37 -4.26 -1.59
C GLY A 30 12.39 -4.71 -0.52
N VAL A 31 12.89 -4.92 0.69
CA VAL A 31 12.05 -5.34 1.81
C VAL A 31 11.58 -4.15 2.63
N VAL A 32 12.44 -3.14 2.75
CA VAL A 32 12.12 -1.94 3.51
C VAL A 32 10.82 -1.31 3.01
N THR A 33 10.76 -1.09 1.69
CA THR A 33 9.59 -0.48 1.08
C THR A 33 8.33 -1.29 1.38
N ARG A 34 8.43 -2.61 1.23
CA ARG A 34 7.31 -3.49 1.49
C ARG A 34 6.71 -3.23 2.87
N ASN A 35 7.55 -2.79 3.80
CA ASN A 35 7.10 -2.50 5.15
C ASN A 35 6.49 -1.12 5.23
N ALA A 36 7.17 -0.13 4.68
CA ALA A 36 6.69 1.25 4.69
C ALA A 36 5.27 1.34 4.12
N ASN A 37 5.06 0.70 2.97
CA ASN A 37 3.75 0.71 2.32
C ASN A 37 2.67 0.23 3.29
N ALA A 38 2.83 -0.98 3.79
CA ALA A 38 1.88 -1.55 4.73
C ALA A 38 1.68 -0.64 5.95
N ASN A 39 2.70 0.15 6.25
CA ASN A 39 2.63 1.07 7.38
C ASN A 39 1.67 2.21 7.12
N VAL A 40 1.57 2.62 5.85
CA VAL A 40 0.68 3.70 5.46
C VAL A 40 -0.76 3.22 5.38
N ALA A 41 -0.94 1.94 5.05
CA ALA A 41 -2.27 1.36 4.93
C ALA A 41 -2.79 0.90 6.29
N LYS A 42 -1.97 0.12 7.00
CA LYS A 42 -2.35 -0.39 8.30
C LYS A 42 -2.78 0.75 9.23
N THR A 43 -2.18 1.92 9.03
CA THR A 43 -2.50 3.09 9.84
C THR A 43 -3.66 3.87 9.25
N ALA A 44 -3.78 3.83 7.92
CA ALA A 44 -4.85 4.53 7.22
C ALA A 44 -6.20 3.88 7.50
N TRP A 1 -9.80 3.65 4.82
CA TRP A 1 -9.26 3.80 3.47
C TRP A 1 -7.75 3.67 3.48
N GLY A 2 -7.25 2.47 3.72
CA GLY A 2 -5.82 2.24 3.75
C GLY A 2 -5.32 1.51 2.52
N CYS A 3 -4.94 2.26 1.49
CA CYS A 3 -4.45 1.67 0.25
C CYS A 3 -3.35 2.54 -0.35
N VAL A 4 -2.14 1.98 -0.42
CA VAL A 4 -1.00 2.69 -0.97
C VAL A 4 -0.36 1.91 -2.11
N CYS A 5 0.21 2.63 -3.07
CA CYS A 5 0.84 2.00 -4.22
C CYS A 5 2.15 2.70 -4.56
N SER A 6 3.15 1.91 -4.97
CA SER A 6 4.45 2.46 -5.32
C SER A 6 4.49 2.92 -6.77
N GLY A 7 3.83 4.06 -7.03
CA GLY A 7 3.80 4.59 -8.38
C GLY A 7 2.87 5.79 -8.50
N SER A 8 1.62 5.52 -8.86
CA SER A 8 0.62 6.58 -9.01
C SER A 8 -0.63 6.27 -8.20
N THR A 9 -1.59 7.20 -8.23
CA THR A 9 -2.83 7.03 -7.49
C THR A 9 -3.79 6.11 -8.24
N ALA A 10 -3.81 6.23 -9.57
CA ALA A 10 -4.69 5.41 -10.39
C ALA A 10 -4.47 3.92 -10.10
N VAL A 11 -3.22 3.56 -9.85
CA VAL A 11 -2.87 2.16 -9.56
C VAL A 11 -3.11 1.84 -8.10
N ALA A 12 -2.97 2.85 -7.24
CA ALA A 12 -3.18 2.66 -5.81
C ALA A 12 -4.61 2.25 -5.50
N ASN A 13 -5.57 3.01 -6.04
CA ASN A 13 -6.98 2.73 -5.82
C ASN A 13 -7.42 1.50 -6.62
N SER A 14 -6.73 1.24 -7.72
CA SER A 14 -7.04 0.10 -8.58
C SER A 14 -7.11 -1.19 -7.76
N HIS A 15 -6.17 -1.34 -6.83
CA HIS A 15 -6.12 -2.53 -5.99
C HIS A 15 -6.90 -2.30 -4.71
N ASN A 16 -6.48 -1.32 -3.91
CA ASN A 16 -7.14 -1.02 -2.66
C ASN A 16 -7.29 -2.27 -1.79
N ALA A 17 -8.07 -2.15 -0.73
CA ALA A 17 -8.30 -3.27 0.18
C ALA A 17 -9.58 -3.08 0.98
N GLY A 18 -9.58 -2.08 1.85
CA GLY A 18 -10.75 -1.80 2.67
C GLY A 18 -10.45 -0.83 3.79
N PRO A 19 -11.48 -0.51 4.59
CA PRO A 19 -11.35 0.42 5.72
C PRO A 19 -10.52 -0.17 6.86
N ALA A 20 -10.70 -1.47 7.10
CA ALA A 20 -9.98 -2.16 8.16
C ALA A 20 -8.95 -3.13 7.59
N TYR A 21 -8.52 -2.86 6.35
CA TYR A 21 -7.53 -3.71 5.69
C TYR A 21 -6.34 -2.89 5.21
N CYS A 22 -5.14 -3.40 5.47
CA CYS A 22 -3.92 -2.72 5.07
C CYS A 22 -3.20 -3.49 3.97
N VAL A 23 -2.76 -2.78 2.94
CA VAL A 23 -2.06 -3.41 1.83
C VAL A 23 -0.95 -2.49 1.30
N GLY A 24 0.29 -2.96 1.39
CA GLY A 24 1.42 -2.18 0.92
C GLY A 24 2.01 -2.73 -0.37
N TYR A 25 1.89 -1.96 -1.44
CA TYR A 25 2.42 -2.38 -2.74
C TYR A 25 3.94 -2.26 -2.78
N CYS A 26 4.63 -3.39 -2.73
CA CYS A 26 6.08 -3.40 -2.76
C CYS A 26 6.59 -4.23 -3.93
N GLY A 27 7.10 -3.56 -4.95
CA GLY A 27 7.62 -4.24 -6.12
C GLY A 27 8.89 -5.02 -5.82
N ASN A 28 9.92 -4.78 -6.65
CA ASN A 28 11.20 -5.46 -6.47
C ASN A 28 12.18 -4.58 -5.70
N ASN A 29 11.63 -3.69 -4.87
CA ASN A 29 12.45 -2.79 -4.07
C ASN A 29 13.08 -3.53 -2.89
N GLY A 30 12.35 -4.51 -2.35
CA GLY A 30 12.86 -5.28 -1.23
C GLY A 30 11.87 -5.35 -0.09
N VAL A 31 12.36 -5.69 1.10
CA VAL A 31 11.51 -5.80 2.28
C VAL A 31 11.34 -4.45 2.96
N VAL A 32 12.33 -3.59 2.82
CA VAL A 32 12.30 -2.26 3.42
C VAL A 32 11.04 -1.50 2.98
N THR A 33 10.96 -1.19 1.70
CA THR A 33 9.81 -0.46 1.17
C THR A 33 8.51 -1.20 1.43
N ARG A 34 8.56 -2.53 1.32
CA ARG A 34 7.39 -3.36 1.56
C ARG A 34 6.75 -3.03 2.90
N ASN A 35 7.57 -2.61 3.85
CA ASN A 35 7.08 -2.26 5.18
C ASN A 35 6.53 -0.84 5.21
N ALA A 36 7.30 0.10 4.68
CA ALA A 36 6.89 1.50 4.63
C ALA A 36 5.50 1.64 4.02
N ASN A 37 5.24 0.88 2.96
CA ASN A 37 3.95 0.92 2.28
C ASN A 37 2.83 0.45 3.21
N ALA A 38 2.96 -0.79 3.71
CA ALA A 38 1.97 -1.35 4.61
C ALA A 38 1.75 -0.46 5.83
N ASN A 39 2.78 0.32 6.16
CA ASN A 39 2.70 1.22 7.31
C ASN A 39 1.76 2.39 7.03
N VAL A 40 1.72 2.82 5.77
CA VAL A 40 0.86 3.92 5.36
C VAL A 40 -0.59 3.46 5.21
N ALA A 41 -0.77 2.20 4.85
CA ALA A 41 -2.10 1.65 4.67
C ALA A 41 -2.68 1.17 5.99
N LYS A 42 -1.91 0.36 6.72
CA LYS A 42 -2.35 -0.17 8.01
C LYS A 42 -2.81 0.97 8.93
N THR A 43 -2.21 2.14 8.77
CA THR A 43 -2.56 3.30 9.57
C THR A 43 -3.74 4.06 8.97
N ALA A 44 -3.71 4.20 7.64
CA ALA A 44 -4.78 4.90 6.94
C ALA A 44 -6.01 4.02 6.77
N TRP A 1 -9.65 4.86 4.47
CA TRP A 1 -9.20 4.15 3.28
C TRP A 1 -7.69 3.95 3.28
N GLY A 2 -7.26 2.74 3.62
CA GLY A 2 -5.84 2.45 3.65
C GLY A 2 -5.39 1.62 2.47
N CYS A 3 -4.81 2.28 1.48
CA CYS A 3 -4.33 1.59 0.28
C CYS A 3 -3.14 2.32 -0.32
N VAL A 4 -1.98 1.66 -0.29
CA VAL A 4 -0.75 2.23 -0.84
C VAL A 4 -0.16 1.35 -1.92
N CYS A 5 0.49 1.97 -2.90
CA CYS A 5 1.11 1.24 -4.00
C CYS A 5 2.50 1.79 -4.31
N SER A 6 3.39 0.91 -4.75
CA SER A 6 4.76 1.30 -5.08
C SER A 6 4.85 1.79 -6.52
N GLY A 7 4.26 2.94 -6.79
CA GLY A 7 4.29 3.51 -8.12
C GLY A 7 3.49 4.79 -8.23
N SER A 8 2.21 4.67 -8.58
CA SER A 8 1.34 5.83 -8.73
C SER A 8 0.06 5.64 -7.92
N THR A 9 -0.79 6.67 -7.92
CA THR A 9 -2.05 6.63 -7.20
C THR A 9 -3.10 5.82 -7.96
N ALA A 10 -3.13 6.00 -9.29
CA ALA A 10 -4.07 5.30 -10.13
C ALA A 10 -4.03 3.79 -9.88
N VAL A 11 -2.81 3.28 -9.64
CA VAL A 11 -2.63 1.86 -9.39
C VAL A 11 -2.88 1.52 -7.93
N ALA A 12 -2.62 2.48 -7.05
CA ALA A 12 -2.82 2.29 -5.62
C ALA A 12 -4.29 2.01 -5.30
N ASN A 13 -5.18 2.83 -5.86
CA ASN A 13 -6.61 2.67 -5.64
C ASN A 13 -7.16 1.51 -6.46
N SER A 14 -6.49 1.20 -7.57
CA SER A 14 -6.93 0.11 -8.44
C SER A 14 -7.11 -1.18 -7.64
N HIS A 15 -6.27 -1.37 -6.62
CA HIS A 15 -6.34 -2.55 -5.79
C HIS A 15 -7.13 -2.28 -4.51
N ASN A 16 -6.64 -1.33 -3.71
CA ASN A 16 -7.31 -0.98 -2.46
C ASN A 16 -7.58 -2.22 -1.62
N ALA A 17 -8.37 -2.04 -0.56
CA ALA A 17 -8.72 -3.14 0.32
C ALA A 17 -9.97 -2.83 1.14
N GLY A 18 -9.87 -1.81 1.99
CA GLY A 18 -10.99 -1.41 2.82
C GLY A 18 -10.63 -0.36 3.83
N PRO A 19 -11.64 0.15 4.56
CA PRO A 19 -11.45 1.18 5.58
C PRO A 19 -10.69 0.66 6.81
N ALA A 20 -10.94 -0.61 7.15
CA ALA A 20 -10.29 -1.22 8.30
C ALA A 20 -9.29 -2.28 7.85
N TYR A 21 -8.80 -2.14 6.62
CA TYR A 21 -7.84 -3.09 6.07
C TYR A 21 -6.54 -2.39 5.68
N CYS A 22 -5.46 -3.16 5.59
CA CYS A 22 -4.15 -2.61 5.23
C CYS A 22 -3.48 -3.49 4.18
N VAL A 23 -2.92 -2.85 3.16
CA VAL A 23 -2.24 -3.57 2.10
C VAL A 23 -1.05 -2.76 1.56
N GLY A 24 0.14 -3.33 1.68
CA GLY A 24 1.33 -2.65 1.20
C GLY A 24 1.89 -3.27 -0.06
N TYR A 25 1.64 -2.63 -1.20
CA TYR A 25 2.11 -3.14 -2.48
C TYR A 25 3.49 -2.55 -2.82
N CYS A 26 4.51 -3.39 -2.80
CA CYS A 26 5.86 -2.96 -3.09
C CYS A 26 6.79 -4.15 -3.30
N GLY A 27 7.35 -4.26 -4.51
CA GLY A 27 8.24 -5.37 -4.80
C GLY A 27 9.16 -5.07 -5.97
N ASN A 28 9.56 -3.80 -6.09
CA ASN A 28 10.45 -3.38 -7.17
C ASN A 28 11.51 -2.41 -6.66
N ASN A 29 11.87 -2.55 -5.39
CA ASN A 29 12.86 -1.69 -4.77
C ASN A 29 13.63 -2.44 -3.68
N GLY A 30 12.93 -2.80 -2.62
CA GLY A 30 13.56 -3.52 -1.52
C GLY A 30 12.56 -4.02 -0.50
N VAL A 31 13.04 -4.74 0.50
CA VAL A 31 12.18 -5.28 1.55
C VAL A 31 11.68 -4.18 2.47
N VAL A 32 12.54 -3.20 2.75
CA VAL A 32 12.17 -2.09 3.61
C VAL A 32 10.92 -1.38 3.11
N THR A 33 10.93 -1.01 1.83
CA THR A 33 9.79 -0.33 1.23
C THR A 33 8.52 -1.16 1.38
N ARG A 34 8.60 -2.43 1.02
CA ARG A 34 7.46 -3.34 1.11
C ARG A 34 6.83 -3.28 2.50
N ASN A 35 7.66 -3.02 3.50
CA ASN A 35 7.19 -2.94 4.88
C ASN A 35 6.60 -1.56 5.18
N ALA A 36 7.36 -0.52 4.88
CA ALA A 36 6.91 0.85 5.11
C ALA A 36 5.53 1.09 4.49
N ASN A 37 5.27 0.41 3.37
CA ASN A 37 4.00 0.55 2.68
C ASN A 37 2.84 0.16 3.59
N ALA A 38 2.91 -1.05 4.14
CA ALA A 38 1.88 -1.56 5.03
C ALA A 38 1.66 -0.61 6.21
N ASN A 39 2.68 0.17 6.54
CA ASN A 39 2.61 1.11 7.65
C ASN A 39 1.71 2.30 7.29
N VAL A 40 1.74 2.68 6.02
CA VAL A 40 0.94 3.81 5.54
C VAL A 40 -0.52 3.38 5.34
N ALA A 41 -0.72 2.11 5.02
CA ALA A 41 -2.06 1.58 4.80
C ALA A 41 -2.71 1.18 6.11
N LYS A 42 -2.01 0.37 6.91
CA LYS A 42 -2.52 -0.08 8.19
C LYS A 42 -2.98 1.09 9.04
N THR A 43 -2.31 2.23 8.87
CA THR A 43 -2.64 3.43 9.63
C THR A 43 -3.83 4.17 9.00
N ALA A 44 -3.91 4.12 7.67
CA ALA A 44 -4.98 4.77 6.95
C ALA A 44 -6.24 3.92 6.94
N TRP A 1 -10.38 5.15 3.63
CA TRP A 1 -9.90 3.98 2.90
C TRP A 1 -8.40 3.81 3.07
N GLY A 2 -7.97 2.59 3.39
CA GLY A 2 -6.56 2.32 3.59
C GLY A 2 -5.97 1.53 2.43
N CYS A 3 -5.46 2.24 1.44
CA CYS A 3 -4.85 1.60 0.27
C CYS A 3 -3.66 2.40 -0.23
N VAL A 4 -2.47 1.81 -0.14
CA VAL A 4 -1.25 2.47 -0.60
C VAL A 4 -0.61 1.69 -1.74
N CYS A 5 0.07 2.42 -2.63
CA CYS A 5 0.73 1.81 -3.77
C CYS A 5 2.12 2.43 -3.98
N SER A 6 3.06 1.60 -4.44
CA SER A 6 4.42 2.05 -4.69
C SER A 6 4.60 2.50 -6.14
N GLY A 7 3.74 3.42 -6.57
CA GLY A 7 3.82 3.91 -7.94
C GLY A 7 2.98 5.15 -8.15
N SER A 8 1.74 4.96 -8.60
CA SER A 8 0.84 6.08 -8.86
C SER A 8 -0.47 5.89 -8.10
N THR A 9 -1.35 6.89 -8.20
CA THR A 9 -2.64 6.84 -7.52
C THR A 9 -3.61 5.92 -8.26
N ALA A 10 -3.58 6.00 -9.58
CA ALA A 10 -4.47 5.17 -10.41
C ALA A 10 -4.35 3.70 -10.03
N VAL A 11 -3.13 3.26 -9.74
CA VAL A 11 -2.89 1.87 -9.36
C VAL A 11 -3.18 1.65 -7.88
N ALA A 12 -2.96 2.68 -7.07
CA ALA A 12 -3.20 2.60 -5.64
C ALA A 12 -4.65 2.24 -5.34
N ASN A 13 -5.57 2.94 -6.00
CA ASN A 13 -6.99 2.68 -5.80
C ASN A 13 -7.45 1.48 -6.62
N SER A 14 -6.76 1.22 -7.72
CA SER A 14 -7.09 0.10 -8.59
C SER A 14 -7.18 -1.20 -7.80
N HIS A 15 -6.28 -1.36 -6.83
CA HIS A 15 -6.25 -2.56 -6.00
C HIS A 15 -7.10 -2.37 -4.75
N ASN A 16 -6.71 -1.40 -3.91
CA ASN A 16 -7.45 -1.13 -2.68
C ASN A 16 -7.65 -2.40 -1.87
N ALA A 17 -8.49 -2.32 -0.83
CA ALA A 17 -8.76 -3.45 0.02
C ALA A 17 -9.97 -3.19 0.92
N GLY A 18 -9.85 -2.19 1.79
CA GLY A 18 -10.93 -1.85 2.69
C GLY A 18 -10.54 -0.80 3.71
N PRO A 19 -11.54 -0.29 4.45
CA PRO A 19 -11.31 0.73 5.47
C PRO A 19 -10.55 0.19 6.68
N ALA A 20 -10.79 -1.08 7.00
CA ALA A 20 -10.13 -1.72 8.12
C ALA A 20 -9.13 -2.77 7.66
N TYR A 21 -8.64 -2.61 6.43
CA TYR A 21 -7.68 -3.54 5.86
C TYR A 21 -6.39 -2.83 5.48
N CYS A 22 -5.25 -3.43 5.85
CA CYS A 22 -3.96 -2.84 5.55
C CYS A 22 -3.26 -3.61 4.42
N VAL A 23 -3.05 -2.93 3.30
CA VAL A 23 -2.40 -3.54 2.14
C VAL A 23 -1.30 -2.66 1.59
N GLY A 24 -0.07 -3.16 1.61
CA GLY A 24 1.05 -2.39 1.11
C GLY A 24 1.64 -2.98 -0.15
N TYR A 25 1.49 -2.27 -1.27
CA TYR A 25 2.01 -2.74 -2.55
C TYR A 25 3.51 -2.49 -2.65
N CYS A 26 4.28 -3.56 -2.71
CA CYS A 26 5.73 -3.46 -2.81
C CYS A 26 6.24 -4.21 -4.04
N GLY A 27 6.83 -3.47 -4.98
CA GLY A 27 7.35 -4.08 -6.18
C GLY A 27 8.65 -4.82 -5.94
N ASN A 28 9.69 -4.44 -6.68
CA ASN A 28 10.99 -5.08 -6.55
C ASN A 28 12.06 -4.05 -6.16
N ASN A 29 11.82 -3.33 -5.07
CA ASN A 29 12.75 -2.33 -4.59
C ASN A 29 13.49 -2.82 -3.34
N GLY A 30 12.82 -3.64 -2.55
CA GLY A 30 13.42 -4.17 -1.33
C GLY A 30 12.40 -4.51 -0.27
N VAL A 31 12.86 -5.07 0.84
CA VAL A 31 11.97 -5.45 1.93
C VAL A 31 11.52 -4.22 2.71
N VAL A 32 12.41 -3.24 2.85
CA VAL A 32 12.10 -2.02 3.59
C VAL A 32 10.84 -1.36 3.03
N THR A 33 10.84 -1.11 1.73
CA THR A 33 9.70 -0.49 1.07
C THR A 33 8.41 -1.25 1.35
N ARG A 34 8.47 -2.57 1.22
CA ARG A 34 7.31 -3.42 1.45
C ARG A 34 6.69 -3.12 2.82
N ASN A 35 7.54 -2.71 3.76
CA ASN A 35 7.06 -2.39 5.11
C ASN A 35 6.49 -0.98 5.17
N ALA A 36 7.18 -0.03 4.56
CA ALA A 36 6.74 1.36 4.54
C ALA A 36 5.34 1.47 3.98
N ASN A 37 5.05 0.68 2.94
CA ASN A 37 3.74 0.70 2.31
C ASN A 37 2.66 0.22 3.27
N ALA A 38 2.80 -1.03 3.74
CA ALA A 38 1.84 -1.61 4.66
C ALA A 38 1.70 -0.75 5.92
N ASN A 39 2.75 -0.01 6.23
CA ASN A 39 2.74 0.86 7.40
C ASN A 39 1.78 2.04 7.21
N VAL A 40 1.64 2.47 5.96
CA VAL A 40 0.76 3.58 5.64
C VAL A 40 -0.70 3.15 5.62
N ALA A 41 -0.94 1.90 5.21
CA ALA A 41 -2.29 1.36 5.15
C ALA A 41 -2.74 0.86 6.53
N LYS A 42 -1.91 0.02 7.13
CA LYS A 42 -2.23 -0.53 8.45
C LYS A 42 -2.57 0.58 9.44
N THR A 43 -1.97 1.75 9.23
CA THR A 43 -2.20 2.90 10.11
C THR A 43 -3.43 3.68 9.67
N ALA A 44 -3.62 3.80 8.36
CA ALA A 44 -4.77 4.52 7.82
C ALA A 44 -6.07 4.02 8.43
N TRP A 1 -10.38 4.17 5.26
CA TRP A 1 -9.73 3.74 4.02
C TRP A 1 -8.25 3.49 4.25
N GLY A 2 -7.69 2.55 3.48
CA GLY A 2 -6.28 2.23 3.62
C GLY A 2 -5.74 1.50 2.41
N CYS A 3 -5.26 2.26 1.42
CA CYS A 3 -4.71 1.67 0.21
C CYS A 3 -3.55 2.51 -0.33
N VAL A 4 -2.36 1.95 -0.33
CA VAL A 4 -1.17 2.64 -0.82
C VAL A 4 -0.52 1.89 -1.97
N CYS A 5 0.11 2.62 -2.87
CA CYS A 5 0.78 2.02 -4.02
C CYS A 5 2.13 2.68 -4.28
N SER A 6 3.08 1.91 -4.79
CA SER A 6 4.41 2.42 -5.07
C SER A 6 4.50 2.92 -6.51
N GLY A 7 3.57 3.79 -6.88
CA GLY A 7 3.56 4.34 -8.23
C GLY A 7 2.67 5.56 -8.35
N SER A 8 1.51 5.39 -8.99
CA SER A 8 0.58 6.49 -9.17
C SER A 8 -0.66 6.31 -8.29
N THR A 9 -1.53 7.31 -8.29
CA THR A 9 -2.75 7.27 -7.50
C THR A 9 -3.81 6.41 -8.17
N ALA A 10 -3.76 6.34 -9.49
CA ALA A 10 -4.71 5.55 -10.26
C ALA A 10 -4.55 4.06 -9.97
N VAL A 11 -3.31 3.64 -9.74
CA VAL A 11 -3.02 2.24 -9.45
C VAL A 11 -3.24 1.93 -7.99
N ALA A 12 -3.05 2.92 -7.13
CA ALA A 12 -3.23 2.76 -5.70
C ALA A 12 -4.66 2.35 -5.37
N ASN A 13 -5.62 3.07 -5.94
CA ASN A 13 -7.03 2.78 -5.70
C ASN A 13 -7.49 1.60 -6.54
N SER A 14 -6.82 1.38 -7.66
CA SER A 14 -7.17 0.27 -8.56
C SER A 14 -7.18 -1.05 -7.80
N HIS A 15 -6.35 -1.14 -6.77
CA HIS A 15 -6.27 -2.36 -5.97
C HIS A 15 -7.13 -2.23 -4.71
N ASN A 16 -6.77 -1.27 -3.85
CA ASN A 16 -7.50 -1.06 -2.60
C ASN A 16 -7.65 -2.36 -1.82
N ALA A 17 -8.48 -2.32 -0.78
CA ALA A 17 -8.72 -3.49 0.04
C ALA A 17 -9.88 -3.27 1.00
N GLY A 18 -9.87 -2.13 1.68
CA GLY A 18 -10.93 -1.82 2.62
C GLY A 18 -10.52 -0.79 3.66
N PRO A 19 -11.47 -0.37 4.50
CA PRO A 19 -11.21 0.62 5.54
C PRO A 19 -10.34 0.07 6.67
N ALA A 20 -10.62 -1.17 7.06
CA ALA A 20 -9.86 -1.81 8.12
C ALA A 20 -8.86 -2.81 7.55
N TYR A 21 -8.47 -2.60 6.30
CA TYR A 21 -7.52 -3.49 5.63
C TYR A 21 -6.26 -2.74 5.24
N CYS A 22 -5.11 -3.37 5.46
CA CYS A 22 -3.82 -2.76 5.12
C CYS A 22 -3.14 -3.53 3.98
N VAL A 23 -2.82 -2.80 2.91
CA VAL A 23 -2.17 -3.40 1.76
C VAL A 23 -1.05 -2.51 1.24
N GLY A 24 0.19 -3.00 1.35
CA GLY A 24 1.34 -2.23 0.87
C GLY A 24 1.92 -2.79 -0.41
N TYR A 25 1.88 -1.98 -1.47
CA TYR A 25 2.41 -2.39 -2.76
C TYR A 25 3.93 -2.28 -2.79
N CYS A 26 4.60 -3.44 -2.76
CA CYS A 26 6.05 -3.48 -2.79
C CYS A 26 6.56 -4.29 -3.98
N GLY A 27 7.09 -3.59 -4.98
CA GLY A 27 7.60 -4.26 -6.16
C GLY A 27 8.88 -5.02 -5.89
N ASN A 28 9.78 -5.04 -6.87
CA ASN A 28 11.04 -5.75 -6.72
C ASN A 28 12.15 -4.80 -6.26
N ASN A 29 11.88 -4.07 -5.19
CA ASN A 29 12.85 -3.12 -4.64
C ASN A 29 13.59 -3.73 -3.46
N GLY A 30 12.86 -4.04 -2.39
CA GLY A 30 13.47 -4.62 -1.21
C GLY A 30 12.45 -4.99 -0.16
N VAL A 31 12.91 -5.17 1.08
CA VAL A 31 12.03 -5.53 2.18
C VAL A 31 11.55 -4.30 2.93
N VAL A 32 12.46 -3.33 3.11
CA VAL A 32 12.13 -2.10 3.81
C VAL A 32 10.91 -1.43 3.20
N THR A 33 10.94 -1.24 1.88
CA THR A 33 9.83 -0.61 1.18
C THR A 33 8.52 -1.35 1.43
N ARG A 34 8.56 -2.67 1.32
CA ARG A 34 7.37 -3.50 1.54
C ARG A 34 6.72 -3.17 2.88
N ASN A 35 7.54 -2.75 3.84
CA ASN A 35 7.05 -2.40 5.17
C ASN A 35 6.51 -0.98 5.20
N ALA A 36 7.23 -0.07 4.53
CA ALA A 36 6.82 1.33 4.48
C ALA A 36 5.40 1.47 3.92
N ASN A 37 5.14 0.80 2.80
CA ASN A 37 3.84 0.85 2.17
C ASN A 37 2.75 0.33 3.10
N ALA A 38 2.92 -0.91 3.54
CA ALA A 38 1.95 -1.53 4.45
C ALA A 38 1.80 -0.71 5.73
N ASN A 39 2.83 0.04 6.07
CA ASN A 39 2.81 0.88 7.27
C ASN A 39 1.87 2.06 7.10
N VAL A 40 1.77 2.56 5.87
CA VAL A 40 0.90 3.69 5.57
C VAL A 40 -0.55 3.25 5.47
N ALA A 41 -0.77 2.00 5.06
CA ALA A 41 -2.11 1.46 4.92
C ALA A 41 -2.61 0.92 6.26
N LYS A 42 -1.81 0.06 6.88
CA LYS A 42 -2.18 -0.54 8.16
C LYS A 42 -2.55 0.54 9.18
N THR A 43 -1.94 1.71 9.04
CA THR A 43 -2.22 2.82 9.95
C THR A 43 -3.42 3.63 9.47
N ALA A 44 -3.56 3.75 8.16
CA ALA A 44 -4.66 4.50 7.57
C ALA A 44 -5.99 3.79 7.81
N TRP A 1 -10.00 3.58 5.44
CA TRP A 1 -9.50 3.20 4.13
C TRP A 1 -8.00 3.35 4.04
N GLY A 2 -7.30 2.23 3.80
CA GLY A 2 -5.85 2.26 3.72
C GLY A 2 -5.34 1.56 2.47
N CYS A 3 -4.98 2.34 1.46
CA CYS A 3 -4.47 1.78 0.21
C CYS A 3 -3.37 2.66 -0.36
N VAL A 4 -2.15 2.10 -0.45
CA VAL A 4 -1.01 2.83 -0.98
C VAL A 4 -0.37 2.08 -2.15
N CYS A 5 0.19 2.83 -3.09
CA CYS A 5 0.84 2.23 -4.25
C CYS A 5 2.15 2.95 -4.56
N SER A 6 3.14 2.17 -5.00
CA SER A 6 4.46 2.72 -5.33
C SER A 6 4.51 3.16 -6.79
N GLY A 7 3.64 4.10 -7.15
CA GLY A 7 3.60 4.59 -8.52
C GLY A 7 2.69 5.79 -8.68
N SER A 8 1.45 5.55 -9.08
CA SER A 8 0.49 6.61 -9.27
C SER A 8 -0.74 6.41 -8.39
N THR A 9 -1.63 7.39 -8.39
CA THR A 9 -2.85 7.32 -7.58
C THR A 9 -3.89 6.43 -8.24
N ALA A 10 -3.92 6.44 -9.57
CA ALA A 10 -4.87 5.62 -10.32
C ALA A 10 -4.70 4.14 -10.00
N VAL A 11 -3.44 3.72 -9.84
CA VAL A 11 -3.14 2.32 -9.54
C VAL A 11 -3.31 2.03 -8.06
N ALA A 12 -3.10 3.06 -7.23
CA ALA A 12 -3.23 2.92 -5.79
C ALA A 12 -4.65 2.51 -5.41
N ASN A 13 -5.63 3.21 -5.96
CA ASN A 13 -7.03 2.93 -5.68
C ASN A 13 -7.52 1.73 -6.49
N SER A 14 -6.89 1.51 -7.65
CA SER A 14 -7.25 0.40 -8.51
C SER A 14 -7.28 -0.92 -7.75
N HIS A 15 -6.34 -1.07 -6.82
CA HIS A 15 -6.26 -2.29 -6.02
C HIS A 15 -7.03 -2.12 -4.71
N ASN A 16 -6.60 -1.17 -3.89
CA ASN A 16 -7.25 -0.91 -2.61
C ASN A 16 -7.38 -2.20 -1.80
N ALA A 17 -8.14 -2.13 -0.71
CA ALA A 17 -8.35 -3.30 0.15
C ALA A 17 -9.59 -3.11 1.01
N GLY A 18 -9.53 -2.15 1.94
CA GLY A 18 -10.65 -1.89 2.82
C GLY A 18 -10.26 -1.04 4.01
N PRO A 19 -11.27 -0.61 4.78
CA PRO A 19 -11.06 0.22 5.97
C PRO A 19 -10.40 -0.54 7.10
N ALA A 20 -10.58 -1.86 7.11
CA ALA A 20 -10.00 -2.71 8.14
C ALA A 20 -8.91 -3.59 7.57
N TYR A 21 -8.31 -3.15 6.46
CA TYR A 21 -7.25 -3.91 5.81
C TYR A 21 -6.09 -2.99 5.42
N CYS A 22 -4.88 -3.44 5.68
CA CYS A 22 -3.69 -2.67 5.36
C CYS A 22 -2.89 -3.34 4.25
N VAL A 23 -2.72 -2.63 3.14
CA VAL A 23 -1.97 -3.16 1.99
C VAL A 23 -0.91 -2.16 1.52
N GLY A 24 0.29 -2.66 1.26
CA GLY A 24 1.37 -1.80 0.80
C GLY A 24 2.10 -2.38 -0.40
N TYR A 25 1.93 -1.74 -1.55
CA TYR A 25 2.58 -2.20 -2.77
C TYR A 25 4.08 -1.91 -2.74
N CYS A 26 4.89 -2.96 -2.75
CA CYS A 26 6.33 -2.82 -2.72
C CYS A 26 6.96 -3.40 -3.98
N GLY A 27 6.67 -4.65 -4.27
CA GLY A 27 7.21 -5.30 -5.45
C GLY A 27 8.51 -6.02 -5.17
N ASN A 28 9.43 -5.99 -6.15
CA ASN A 28 10.71 -6.65 -5.99
C ASN A 28 11.79 -5.66 -5.61
N ASN A 29 11.40 -4.63 -4.86
CA ASN A 29 12.34 -3.60 -4.42
C ASN A 29 13.12 -4.07 -3.19
N GLY A 30 12.40 -4.58 -2.20
CA GLY A 30 13.05 -5.06 -0.99
C GLY A 30 12.07 -5.29 0.14
N VAL A 31 12.59 -5.59 1.33
CA VAL A 31 11.75 -5.83 2.50
C VAL A 31 11.34 -4.51 3.16
N VAL A 32 12.30 -3.62 3.33
CA VAL A 32 12.05 -2.33 3.96
C VAL A 32 10.88 -1.61 3.28
N THR A 33 10.97 -1.46 1.97
CA THR A 33 9.93 -0.80 1.20
C THR A 33 8.57 -1.43 1.47
N ARG A 34 8.51 -2.75 1.41
CA ARG A 34 7.27 -3.49 1.64
C ARG A 34 6.63 -3.06 2.95
N ASN A 35 7.47 -2.66 3.91
CA ASN A 35 6.98 -2.24 5.22
C ASN A 35 6.54 -0.77 5.18
N ALA A 36 7.35 0.07 4.55
CA ALA A 36 7.05 1.49 4.44
C ALA A 36 5.65 1.71 3.89
N ASN A 37 5.31 0.98 2.82
CA ASN A 37 3.99 1.10 2.21
C ASN A 37 2.90 0.63 3.17
N ALA A 38 3.04 -0.59 3.65
CA ALA A 38 2.06 -1.17 4.57
C ALA A 38 1.87 -0.27 5.79
N ASN A 39 2.90 0.51 6.12
CA ASN A 39 2.83 1.41 7.26
C ASN A 39 1.87 2.57 6.99
N VAL A 40 1.76 2.96 5.73
CA VAL A 40 0.87 4.05 5.34
C VAL A 40 -0.59 3.58 5.30
N ALA A 41 -0.79 2.33 4.89
CA ALA A 41 -2.13 1.76 4.81
C ALA A 41 -2.61 1.29 6.18
N LYS A 42 -1.78 0.49 6.85
CA LYS A 42 -2.13 -0.02 8.17
C LYS A 42 -2.52 1.11 9.11
N THR A 43 -1.97 2.30 8.88
CA THR A 43 -2.26 3.46 9.71
C THR A 43 -3.55 4.14 9.25
N ALA A 44 -3.77 4.17 7.94
CA ALA A 44 -4.96 4.79 7.38
C ALA A 44 -6.15 3.84 7.43
N TRP A 1 -9.82 3.70 5.15
CA TRP A 1 -9.37 3.57 3.77
C TRP A 1 -7.84 3.58 3.69
N GLY A 2 -7.24 2.40 3.83
CA GLY A 2 -5.79 2.30 3.78
C GLY A 2 -5.31 1.56 2.54
N CYS A 3 -4.88 2.31 1.53
CA CYS A 3 -4.40 1.71 0.30
C CYS A 3 -3.29 2.58 -0.31
N VAL A 4 -2.08 2.01 -0.36
CA VAL A 4 -0.94 2.71 -0.92
C VAL A 4 -0.31 1.92 -2.06
N CYS A 5 0.26 2.64 -3.03
CA CYS A 5 0.91 2.00 -4.17
C CYS A 5 2.24 2.66 -4.49
N SER A 6 3.19 1.87 -4.97
CA SER A 6 4.51 2.37 -5.30
C SER A 6 4.59 2.74 -6.78
N GLY A 7 3.82 3.74 -7.19
CA GLY A 7 3.81 4.16 -8.57
C GLY A 7 2.94 5.39 -8.80
N SER A 8 1.67 5.15 -9.12
CA SER A 8 0.74 6.25 -9.37
C SER A 8 -0.49 6.13 -8.47
N THR A 9 -1.33 7.16 -8.49
CA THR A 9 -2.53 7.18 -7.67
C THR A 9 -3.63 6.33 -8.30
N ALA A 10 -3.64 6.25 -9.62
CA ALA A 10 -4.64 5.46 -10.35
C ALA A 10 -4.52 3.98 -10.00
N VAL A 11 -3.29 3.52 -9.82
CA VAL A 11 -3.04 2.13 -9.48
C VAL A 11 -3.23 1.87 -7.99
N ALA A 12 -2.98 2.90 -7.19
CA ALA A 12 -3.13 2.79 -5.74
C ALA A 12 -4.56 2.42 -5.36
N ASN A 13 -5.51 3.14 -5.94
CA ASN A 13 -6.93 2.90 -5.67
C ASN A 13 -7.44 1.70 -6.47
N SER A 14 -6.80 1.43 -7.60
CA SER A 14 -7.20 0.32 -8.46
C SER A 14 -7.27 -0.98 -7.65
N HIS A 15 -6.29 -1.18 -6.78
CA HIS A 15 -6.25 -2.39 -5.95
C HIS A 15 -7.00 -2.17 -4.64
N ASN A 16 -6.53 -1.22 -3.84
CA ASN A 16 -7.16 -0.92 -2.56
C ASN A 16 -7.34 -2.19 -1.73
N ALA A 17 -8.09 -2.08 -0.64
CA ALA A 17 -8.34 -3.21 0.24
C ALA A 17 -9.59 -2.98 1.09
N GLY A 18 -9.52 -1.96 1.94
CA GLY A 18 -10.66 -1.65 2.81
C GLY A 18 -10.24 -0.83 4.02
N PRO A 19 -11.24 -0.39 4.80
CA PRO A 19 -11.01 0.41 6.01
C PRO A 19 -10.35 -0.39 7.12
N ALA A 20 -10.69 -1.68 7.20
CA ALA A 20 -10.13 -2.56 8.22
C ALA A 20 -9.07 -3.48 7.63
N TYR A 21 -8.48 -3.07 6.51
CA TYR A 21 -7.46 -3.86 5.84
C TYR A 21 -6.27 -3.00 5.44
N CYS A 22 -5.07 -3.52 5.68
CA CYS A 22 -3.85 -2.79 5.35
C CYS A 22 -3.07 -3.50 4.23
N VAL A 23 -2.73 -2.74 3.20
CA VAL A 23 -1.99 -3.29 2.07
C VAL A 23 -0.93 -2.32 1.57
N GLY A 24 0.27 -2.84 1.30
CA GLY A 24 1.35 -1.99 0.83
C GLY A 24 2.01 -2.56 -0.41
N TYR A 25 1.84 -1.88 -1.54
CA TYR A 25 2.42 -2.34 -2.80
C TYR A 25 3.89 -1.91 -2.89
N CYS A 26 4.78 -2.87 -2.73
CA CYS A 26 6.22 -2.62 -2.80
C CYS A 26 6.78 -3.02 -4.15
N GLY A 27 6.34 -4.16 -4.65
CA GLY A 27 6.81 -4.66 -5.94
C GLY A 27 8.16 -5.32 -5.84
N ASN A 28 9.17 -4.73 -6.45
CA ASN A 28 10.52 -5.27 -6.44
C ASN A 28 11.55 -4.20 -6.07
N ASN A 29 11.92 -4.16 -4.79
CA ASN A 29 12.88 -3.18 -4.31
C ASN A 29 13.62 -3.69 -3.08
N GLY A 30 12.87 -3.99 -2.03
CA GLY A 30 13.45 -4.49 -0.81
C GLY A 30 12.42 -4.75 0.27
N VAL A 31 12.85 -5.36 1.38
CA VAL A 31 11.97 -5.66 2.49
C VAL A 31 11.51 -4.39 3.18
N VAL A 32 12.43 -3.45 3.35
CA VAL A 32 12.12 -2.18 4.01
C VAL A 32 10.94 -1.48 3.32
N THR A 33 11.03 -1.33 2.00
CA THR A 33 9.97 -0.69 1.24
C THR A 33 8.63 -1.38 1.47
N ARG A 34 8.63 -2.71 1.36
CA ARG A 34 7.41 -3.49 1.55
C ARG A 34 6.73 -3.12 2.87
N ASN A 35 7.54 -2.75 3.85
CA ASN A 35 7.02 -2.37 5.17
C ASN A 35 6.55 -0.93 5.18
N ALA A 36 7.36 -0.05 4.59
CA ALA A 36 7.02 1.37 4.53
C ALA A 36 5.62 1.58 3.97
N ASN A 37 5.29 0.84 2.91
CA ASN A 37 3.98 0.95 2.28
C ASN A 37 2.88 0.48 3.23
N ALA A 38 3.02 -0.76 3.70
CA ALA A 38 2.03 -1.33 4.62
C ALA A 38 1.86 -0.46 5.85
N ASN A 39 2.88 0.32 6.18
CA ASN A 39 2.85 1.20 7.34
C ASN A 39 1.90 2.38 7.10
N VAL A 40 1.82 2.81 5.84
CA VAL A 40 0.95 3.92 5.47
C VAL A 40 -0.50 3.47 5.37
N ALA A 41 -0.70 2.22 4.97
CA ALA A 41 -2.04 1.66 4.83
C ALA A 41 -2.58 1.18 6.18
N LYS A 42 -1.78 0.37 6.87
CA LYS A 42 -2.17 -0.16 8.17
C LYS A 42 -2.62 0.95 9.11
N THR A 43 -2.03 2.14 8.93
CA THR A 43 -2.37 3.29 9.76
C THR A 43 -3.63 3.97 9.27
N ALA A 44 -3.81 4.00 7.95
CA ALA A 44 -4.99 4.62 7.35
C ALA A 44 -6.23 3.76 7.55
N TRP A 1 -10.24 4.68 4.82
CA TRP A 1 -9.70 3.70 3.89
C TRP A 1 -8.17 3.74 3.88
N GLY A 2 -7.56 2.59 3.58
CA GLY A 2 -6.11 2.51 3.55
C GLY A 2 -5.60 1.69 2.38
N CYS A 3 -5.19 2.38 1.32
CA CYS A 3 -4.68 1.70 0.13
C CYS A 3 -3.52 2.47 -0.47
N VAL A 4 -2.33 1.86 -0.45
CA VAL A 4 -1.14 2.49 -1.00
C VAL A 4 -0.55 1.65 -2.13
N CYS A 5 0.08 2.33 -3.09
CA CYS A 5 0.69 1.64 -4.22
C CYS A 5 2.03 2.27 -4.58
N SER A 6 2.98 1.44 -5.02
CA SER A 6 4.30 1.91 -5.39
C SER A 6 4.34 2.31 -6.86
N GLY A 7 3.65 3.40 -7.19
CA GLY A 7 3.62 3.86 -8.56
C GLY A 7 2.78 5.11 -8.73
N SER A 8 1.46 4.94 -8.79
CA SER A 8 0.55 6.06 -8.95
C SER A 8 -0.73 5.83 -8.16
N THR A 9 -1.60 6.84 -8.14
CA THR A 9 -2.86 6.76 -7.42
C THR A 9 -3.87 5.89 -8.16
N ALA A 10 -3.88 6.01 -9.49
CA ALA A 10 -4.79 5.23 -10.32
C ALA A 10 -4.68 3.74 -10.01
N VAL A 11 -3.45 3.28 -9.80
CA VAL A 11 -3.22 1.87 -9.50
C VAL A 11 -3.41 1.59 -8.01
N ALA A 12 -3.17 2.60 -7.19
CA ALA A 12 -3.33 2.46 -5.74
C ALA A 12 -4.77 2.14 -5.38
N ASN A 13 -5.71 2.89 -5.96
CA ASN A 13 -7.13 2.67 -5.69
C ASN A 13 -7.66 1.48 -6.47
N SER A 14 -7.03 1.19 -7.60
CA SER A 14 -7.44 0.08 -8.45
C SER A 14 -7.54 -1.21 -7.64
N HIS A 15 -6.58 -1.41 -6.73
CA HIS A 15 -6.56 -2.60 -5.90
C HIS A 15 -7.33 -2.36 -4.60
N ASN A 16 -6.89 -1.39 -3.82
CA ASN A 16 -7.54 -1.06 -2.55
C ASN A 16 -7.69 -2.31 -1.69
N ALA A 17 -8.47 -2.19 -0.61
CA ALA A 17 -8.71 -3.30 0.29
C ALA A 17 -9.91 -3.03 1.20
N GLY A 18 -9.84 -1.93 1.94
CA GLY A 18 -10.93 -1.58 2.84
C GLY A 18 -10.45 -0.78 4.04
N PRO A 19 -11.41 -0.24 4.80
CA PRO A 19 -11.12 0.57 5.99
C PRO A 19 -10.53 -0.27 7.13
N ALA A 20 -10.84 -1.57 7.12
CA ALA A 20 -10.34 -2.47 8.14
C ALA A 20 -9.30 -3.43 7.58
N TYR A 21 -8.66 -3.03 6.49
CA TYR A 21 -7.65 -3.85 5.84
C TYR A 21 -6.45 -3.00 5.41
N CYS A 22 -5.24 -3.51 5.69
CA CYS A 22 -4.02 -2.81 5.32
C CYS A 22 -3.27 -3.54 4.21
N VAL A 23 -2.89 -2.80 3.18
CA VAL A 23 -2.17 -3.38 2.05
C VAL A 23 -1.05 -2.46 1.59
N GLY A 24 0.10 -3.04 1.27
CA GLY A 24 1.23 -2.26 0.81
C GLY A 24 1.87 -2.84 -0.44
N TYR A 25 1.72 -2.15 -1.56
CA TYR A 25 2.29 -2.61 -2.82
C TYR A 25 3.71 -2.10 -2.99
N CYS A 26 4.68 -3.01 -2.83
CA CYS A 26 6.09 -2.66 -2.97
C CYS A 26 6.92 -3.87 -3.35
N GLY A 27 7.58 -3.79 -4.50
CA GLY A 27 8.41 -4.90 -4.96
C GLY A 27 9.56 -4.44 -5.84
N ASN A 28 10.53 -5.32 -6.05
CA ASN A 28 11.69 -5.00 -6.86
C ASN A 28 12.47 -3.84 -6.27
N ASN A 29 12.36 -3.68 -4.96
CA ASN A 29 13.06 -2.60 -4.26
C ASN A 29 13.78 -3.13 -3.03
N GLY A 30 13.02 -3.47 -1.99
CA GLY A 30 13.60 -3.99 -0.77
C GLY A 30 12.56 -4.33 0.27
N VAL A 31 12.94 -5.17 1.23
CA VAL A 31 12.02 -5.58 2.29
C VAL A 31 11.48 -4.37 3.05
N VAL A 32 12.36 -3.40 3.31
CA VAL A 32 11.97 -2.20 4.03
C VAL A 32 10.79 -1.51 3.36
N THR A 33 10.92 -1.26 2.06
CA THR A 33 9.86 -0.61 1.30
C THR A 33 8.53 -1.35 1.45
N ARG A 34 8.57 -2.66 1.27
CA ARG A 34 7.37 -3.48 1.39
C ARG A 34 6.66 -3.22 2.71
N ASN A 35 7.44 -2.89 3.74
CA ASN A 35 6.89 -2.62 5.06
C ASN A 35 6.39 -1.17 5.15
N ALA A 36 7.16 -0.25 4.60
CA ALA A 36 6.80 1.16 4.62
C ALA A 36 5.39 1.37 4.08
N ASN A 37 5.12 0.80 2.91
CA ASN A 37 3.80 0.92 2.29
C ASN A 37 2.71 0.45 3.24
N ALA A 38 2.83 -0.79 3.71
CA ALA A 38 1.85 -1.36 4.63
C ALA A 38 1.67 -0.48 5.86
N ASN A 39 2.71 0.28 6.18
CA ASN A 39 2.67 1.17 7.35
C ASN A 39 1.73 2.34 7.10
N VAL A 40 1.64 2.78 5.85
CA VAL A 40 0.76 3.89 5.48
C VAL A 40 -0.69 3.44 5.40
N ALA A 41 -0.90 2.20 4.97
CA ALA A 41 -2.24 1.65 4.85
C ALA A 41 -2.77 1.15 6.20
N LYS A 42 -1.96 0.34 6.87
CA LYS A 42 -2.35 -0.20 8.17
C LYS A 42 -2.76 0.92 9.13
N THR A 43 -2.17 2.09 8.95
CA THR A 43 -2.48 3.24 9.79
C THR A 43 -3.68 4.01 9.24
N ALA A 44 -3.77 4.09 7.92
CA ALA A 44 -4.87 4.80 7.26
C ALA A 44 -6.21 4.15 7.59
N TRP A 1 -10.52 4.45 4.57
CA TRP A 1 -9.90 3.56 3.59
C TRP A 1 -8.39 3.68 3.62
N GLY A 2 -7.70 2.54 3.47
CA GLY A 2 -6.26 2.54 3.49
C GLY A 2 -5.66 1.72 2.35
N CYS A 3 -5.31 2.41 1.27
CA CYS A 3 -4.73 1.75 0.11
C CYS A 3 -3.54 2.54 -0.44
N VAL A 4 -2.35 1.95 -0.35
CA VAL A 4 -1.14 2.59 -0.84
C VAL A 4 -0.50 1.78 -1.96
N CYS A 5 0.19 2.47 -2.86
CA CYS A 5 0.86 1.82 -3.98
C CYS A 5 2.24 2.43 -4.22
N SER A 6 3.15 1.61 -4.72
CA SER A 6 4.52 2.06 -4.99
C SER A 6 4.68 2.47 -6.45
N GLY A 7 3.82 3.39 -6.89
CA GLY A 7 3.88 3.86 -8.26
C GLY A 7 3.02 5.08 -8.49
N SER A 8 1.83 4.88 -9.07
CA SER A 8 0.93 5.98 -9.35
C SER A 8 -0.33 5.87 -8.49
N THR A 9 -1.17 6.91 -8.54
CA THR A 9 -2.40 6.94 -7.77
C THR A 9 -3.48 6.09 -8.43
N ALA A 10 -3.43 5.99 -9.75
CA ALA A 10 -4.40 5.21 -10.50
C ALA A 10 -4.30 3.73 -10.15
N VAL A 11 -3.08 3.27 -9.89
CA VAL A 11 -2.85 1.87 -9.54
C VAL A 11 -3.09 1.63 -8.06
N ALA A 12 -2.89 2.66 -7.25
CA ALA A 12 -3.10 2.56 -5.82
C ALA A 12 -4.54 2.17 -5.49
N ASN A 13 -5.48 2.86 -6.12
CA ASN A 13 -6.91 2.59 -5.90
C ASN A 13 -7.35 1.36 -6.69
N SER A 14 -6.66 1.10 -7.81
CA SER A 14 -7.00 -0.03 -8.66
C SER A 14 -7.06 -1.33 -7.85
N HIS A 15 -6.26 -1.39 -6.78
CA HIS A 15 -6.22 -2.56 -5.93
C HIS A 15 -7.09 -2.36 -4.68
N ASN A 16 -6.72 -1.38 -3.88
CA ASN A 16 -7.47 -1.07 -2.66
C ASN A 16 -7.66 -2.33 -1.81
N ALA A 17 -8.50 -2.23 -0.79
CA ALA A 17 -8.76 -3.35 0.09
C ALA A 17 -9.96 -3.08 1.00
N GLY A 18 -9.83 -2.09 1.87
CA GLY A 18 -10.90 -1.74 2.77
C GLY A 18 -10.43 -0.89 3.94
N PRO A 19 -11.39 -0.40 4.74
CA PRO A 19 -11.09 0.45 5.90
C PRO A 19 -10.41 -0.32 7.02
N ALA A 20 -10.85 -1.55 7.23
CA ALA A 20 -10.27 -2.40 8.27
C ALA A 20 -9.22 -3.34 7.70
N TYR A 21 -8.64 -2.95 6.58
CA TYR A 21 -7.61 -3.76 5.92
C TYR A 21 -6.39 -2.90 5.56
N CYS A 22 -5.20 -3.44 5.82
CA CYS A 22 -3.97 -2.74 5.51
C CYS A 22 -3.17 -3.46 4.43
N VAL A 23 -3.01 -2.81 3.28
CA VAL A 23 -2.29 -3.39 2.16
C VAL A 23 -1.13 -2.49 1.74
N GLY A 24 0.00 -3.10 1.44
CA GLY A 24 1.17 -2.33 1.02
C GLY A 24 1.80 -2.88 -0.24
N TYR A 25 1.63 -2.16 -1.34
CA TYR A 25 2.19 -2.58 -2.62
C TYR A 25 3.69 -2.30 -2.69
N CYS A 26 4.48 -3.37 -2.74
CA CYS A 26 5.93 -3.24 -2.79
C CYS A 26 6.48 -3.93 -4.03
N GLY A 27 6.83 -3.14 -5.05
CA GLY A 27 7.36 -3.69 -6.28
C GLY A 27 8.73 -4.30 -6.08
N ASN A 28 9.60 -4.15 -7.09
CA ASN A 28 10.94 -4.70 -7.02
C ASN A 28 11.90 -3.72 -6.32
N ASN A 29 11.54 -3.32 -5.10
CA ASN A 29 12.36 -2.40 -4.34
C ASN A 29 13.12 -3.13 -3.23
N GLY A 30 12.36 -3.77 -2.34
CA GLY A 30 12.98 -4.50 -1.24
C GLY A 30 12.02 -4.72 -0.08
N VAL A 31 12.53 -5.30 1.00
CA VAL A 31 11.72 -5.57 2.18
C VAL A 31 11.32 -4.28 2.88
N VAL A 32 12.25 -3.33 2.94
CA VAL A 32 12.01 -2.04 3.58
C VAL A 32 10.74 -1.38 3.02
N THR A 33 10.70 -1.21 1.71
CA THR A 33 9.56 -0.60 1.05
C THR A 33 8.27 -1.35 1.36
N ARG A 34 8.34 -2.68 1.26
CA ARG A 34 7.18 -3.52 1.53
C ARG A 34 6.57 -3.19 2.88
N ASN A 35 7.42 -2.77 3.82
CA ASN A 35 6.96 -2.43 5.16
C ASN A 35 6.43 -1.00 5.21
N ALA A 36 7.17 -0.09 4.59
CA ALA A 36 6.77 1.32 4.56
C ALA A 36 5.37 1.48 3.98
N ASN A 37 5.07 0.71 2.93
CA ASN A 37 3.77 0.77 2.29
C ASN A 37 2.66 0.31 3.24
N ALA A 38 2.80 -0.91 3.75
CA ALA A 38 1.82 -1.47 4.67
C ALA A 38 1.65 -0.57 5.89
N ASN A 39 2.68 0.20 6.20
CA ASN A 39 2.65 1.10 7.35
C ASN A 39 1.70 2.27 7.09
N VAL A 40 1.61 2.68 5.84
CA VAL A 40 0.73 3.79 5.46
C VAL A 40 -0.73 3.34 5.40
N ALA A 41 -0.94 2.08 5.07
CA ALA A 41 -2.28 1.52 4.97
C ALA A 41 -2.79 1.06 6.34
N LYS A 42 -1.98 0.25 7.02
CA LYS A 42 -2.35 -0.25 8.34
C LYS A 42 -2.73 0.89 9.27
N THR A 43 -2.13 2.05 9.04
CA THR A 43 -2.40 3.23 9.87
C THR A 43 -3.55 4.06 9.28
N ALA A 44 -3.74 3.95 7.97
CA ALA A 44 -4.79 4.68 7.29
C ALA A 44 -6.16 4.35 7.87
N TRP A 1 -10.33 4.74 4.67
CA TRP A 1 -9.70 3.75 3.81
C TRP A 1 -8.18 3.98 3.75
N GLY A 2 -7.45 2.93 3.38
CA GLY A 2 -6.00 3.03 3.29
C GLY A 2 -5.42 2.13 2.21
N CYS A 3 -5.04 2.72 1.09
CA CYS A 3 -4.48 1.95 -0.02
C CYS A 3 -3.31 2.70 -0.66
N VAL A 4 -2.13 2.14 -0.56
CA VAL A 4 -0.93 2.75 -1.13
C VAL A 4 -0.39 1.93 -2.29
N CYS A 5 0.22 2.60 -3.27
CA CYS A 5 0.79 1.93 -4.42
C CYS A 5 2.14 2.54 -4.81
N SER A 6 3.01 1.72 -5.38
CA SER A 6 4.34 2.19 -5.78
C SER A 6 4.32 2.68 -7.23
N GLY A 7 3.45 3.65 -7.51
CA GLY A 7 3.35 4.20 -8.85
C GLY A 7 2.47 5.44 -8.90
N SER A 8 1.21 5.25 -9.27
CA SER A 8 0.28 6.37 -9.37
C SER A 8 -0.91 6.17 -8.42
N THR A 9 -1.78 7.16 -8.36
CA THR A 9 -2.95 7.11 -7.49
C THR A 9 -4.05 6.24 -8.11
N ALA A 10 -4.21 6.33 -9.42
CA ALA A 10 -5.22 5.55 -10.14
C ALA A 10 -5.05 4.06 -9.86
N VAL A 11 -3.81 3.62 -9.76
CA VAL A 11 -3.50 2.21 -9.50
C VAL A 11 -3.60 1.89 -8.00
N ALA A 12 -3.30 2.90 -7.18
CA ALA A 12 -3.36 2.72 -5.73
C ALA A 12 -4.76 2.34 -5.28
N ASN A 13 -5.75 3.08 -5.76
CA ASN A 13 -7.14 2.82 -5.39
C ASN A 13 -7.70 1.64 -6.18
N SER A 14 -7.14 1.41 -7.37
CA SER A 14 -7.58 0.32 -8.22
C SER A 14 -7.56 -1.01 -7.45
N HIS A 15 -6.67 -1.11 -6.49
CA HIS A 15 -6.54 -2.33 -5.68
C HIS A 15 -7.30 -2.18 -4.36
N ASN A 16 -6.88 -1.21 -3.55
CA ASN A 16 -7.52 -0.98 -2.26
C ASN A 16 -7.62 -2.27 -1.45
N ALA A 17 -8.38 -2.21 -0.35
CA ALA A 17 -8.56 -3.38 0.50
C ALA A 17 -9.80 -3.23 1.38
N GLY A 18 -9.78 -2.22 2.26
CA GLY A 18 -10.90 -1.99 3.13
C GLY A 18 -10.50 -1.27 4.40
N PRO A 19 -11.49 -0.97 5.26
CA PRO A 19 -11.26 -0.27 6.53
C PRO A 19 -10.52 -1.14 7.54
N ALA A 20 -10.77 -2.44 7.49
CA ALA A 20 -10.13 -3.38 8.40
C ALA A 20 -9.04 -4.17 7.69
N TYR A 21 -8.51 -3.61 6.61
CA TYR A 21 -7.47 -4.27 5.84
C TYR A 21 -6.36 -3.28 5.46
N CYS A 22 -5.16 -3.80 5.22
CA CYS A 22 -4.04 -2.97 4.84
C CYS A 22 -3.25 -3.59 3.69
N VAL A 23 -2.89 -2.78 2.71
CA VAL A 23 -2.14 -3.26 1.55
C VAL A 23 -1.01 -2.30 1.20
N GLY A 24 0.18 -2.85 0.98
CA GLY A 24 1.33 -2.04 0.64
C GLY A 24 2.10 -2.57 -0.55
N TYR A 25 1.93 -1.93 -1.70
CA TYR A 25 2.61 -2.36 -2.92
C TYR A 25 4.11 -2.49 -2.69
N CYS A 26 4.60 -3.72 -2.72
CA CYS A 26 6.01 -3.99 -2.51
C CYS A 26 6.53 -4.99 -3.54
N GLY A 27 7.15 -4.48 -4.60
CA GLY A 27 7.67 -5.33 -5.65
C GLY A 27 9.03 -5.90 -5.29
N ASN A 28 10.04 -5.55 -6.08
CA ASN A 28 11.41 -6.03 -5.85
C ASN A 28 12.32 -4.88 -5.44
N ASN A 29 11.85 -4.05 -4.52
CA ASN A 29 12.62 -2.92 -4.05
C ASN A 29 13.36 -3.26 -2.75
N GLY A 30 12.73 -4.10 -1.93
CA GLY A 30 13.34 -4.50 -0.68
C GLY A 30 12.32 -4.66 0.44
N VAL A 31 12.64 -5.51 1.41
CA VAL A 31 11.74 -5.75 2.53
C VAL A 31 11.31 -4.44 3.18
N VAL A 32 12.25 -3.52 3.33
CA VAL A 32 11.97 -2.22 3.93
C VAL A 32 10.77 -1.56 3.27
N THR A 33 10.80 -1.46 1.94
CA THR A 33 9.73 -0.85 1.19
C THR A 33 8.38 -1.52 1.51
N ARG A 34 8.37 -2.85 1.49
CA ARG A 34 7.16 -3.60 1.78
C ARG A 34 6.53 -3.15 3.09
N ASN A 35 7.37 -2.73 4.03
CA ASN A 35 6.90 -2.27 5.33
C ASN A 35 6.46 -0.81 5.27
N ALA A 36 7.25 0.01 4.58
CA ALA A 36 6.94 1.43 4.45
C ALA A 36 5.55 1.63 3.85
N ASN A 37 5.26 0.88 2.79
CA ASN A 37 3.96 0.98 2.13
C ASN A 37 2.84 0.47 3.03
N ALA A 38 2.98 -0.77 3.48
CA ALA A 38 1.98 -1.39 4.36
C ALA A 38 1.76 -0.53 5.60
N ASN A 39 2.76 0.25 5.97
CA ASN A 39 2.67 1.11 7.15
C ASN A 39 1.72 2.28 6.89
N VAL A 40 1.70 2.75 5.66
CA VAL A 40 0.83 3.87 5.28
C VAL A 40 -0.61 3.41 5.09
N ALA A 41 -0.77 2.15 4.69
CA ALA A 41 -2.10 1.59 4.47
C ALA A 41 -2.69 1.08 5.78
N LYS A 42 -1.93 0.24 6.49
CA LYS A 42 -2.38 -0.33 7.75
C LYS A 42 -2.85 0.78 8.71
N THR A 43 -2.24 1.95 8.58
CA THR A 43 -2.59 3.09 9.43
C THR A 43 -3.75 3.87 8.84
N ALA A 44 -3.77 4.00 7.52
CA ALA A 44 -4.82 4.73 6.84
C ALA A 44 -6.10 3.89 6.75
N TRP A 1 -10.40 4.10 4.14
CA TRP A 1 -9.57 4.54 3.02
C TRP A 1 -8.10 4.25 3.28
N GLY A 2 -7.70 3.00 3.13
CA GLY A 2 -6.31 2.62 3.35
C GLY A 2 -5.76 1.77 2.23
N CYS A 3 -5.19 2.41 1.22
CA CYS A 3 -4.62 1.71 0.08
C CYS A 3 -3.48 2.52 -0.54
N VAL A 4 -2.28 1.94 -0.53
CA VAL A 4 -1.12 2.61 -1.10
C VAL A 4 -0.52 1.78 -2.23
N CYS A 5 0.07 2.47 -3.21
CA CYS A 5 0.68 1.81 -4.35
C CYS A 5 2.01 2.47 -4.71
N SER A 6 2.95 1.67 -5.21
CA SER A 6 4.26 2.17 -5.60
C SER A 6 4.26 2.64 -7.05
N GLY A 7 3.46 3.68 -7.32
CA GLY A 7 3.38 4.21 -8.67
C GLY A 7 2.50 5.45 -8.74
N SER A 8 1.19 5.24 -8.82
CA SER A 8 0.24 6.35 -8.91
C SER A 8 -0.99 6.06 -8.06
N THR A 9 -1.91 7.03 -8.03
CA THR A 9 -3.14 6.89 -7.26
C THR A 9 -4.16 6.03 -7.99
N ALA A 10 -4.24 6.20 -9.31
CA ALA A 10 -5.16 5.43 -10.11
C ALA A 10 -4.99 3.93 -9.87
N VAL A 11 -3.76 3.50 -9.73
CA VAL A 11 -3.45 2.09 -9.50
C VAL A 11 -3.58 1.75 -8.02
N ALA A 12 -3.33 2.73 -7.17
CA ALA A 12 -3.42 2.52 -5.72
C ALA A 12 -4.83 2.12 -5.30
N ASN A 13 -5.82 2.86 -5.81
CA ASN A 13 -7.21 2.57 -5.49
C ASN A 13 -7.73 1.39 -6.31
N SER A 14 -7.13 1.17 -7.47
CA SER A 14 -7.53 0.07 -8.34
C SER A 14 -7.54 -1.25 -7.58
N HIS A 15 -6.65 -1.37 -6.60
CA HIS A 15 -6.56 -2.58 -5.79
C HIS A 15 -7.30 -2.42 -4.47
N ASN A 16 -6.86 -1.46 -3.66
CA ASN A 16 -7.49 -1.21 -2.38
C ASN A 16 -7.60 -2.49 -1.56
N ALA A 17 -8.35 -2.42 -0.46
CA ALA A 17 -8.54 -3.59 0.40
C ALA A 17 -9.74 -3.40 1.32
N GLY A 18 -9.74 -2.32 2.09
CA GLY A 18 -10.84 -2.04 2.99
C GLY A 18 -10.44 -1.16 4.16
N PRO A 19 -11.42 -0.73 4.95
CA PRO A 19 -11.18 0.13 6.11
C PRO A 19 -10.46 -0.60 7.23
N ALA A 20 -10.83 -1.86 7.45
CA ALA A 20 -10.21 -2.67 8.50
C ALA A 20 -9.10 -3.54 7.93
N TYR A 21 -8.54 -3.12 6.80
CA TYR A 21 -7.47 -3.87 6.15
C TYR A 21 -6.30 -2.95 5.80
N CYS A 22 -5.15 -3.56 5.51
CA CYS A 22 -3.96 -2.80 5.16
C CYS A 22 -3.18 -3.50 4.04
N VAL A 23 -2.88 -2.76 2.98
CA VAL A 23 -2.13 -3.31 1.86
C VAL A 23 -1.03 -2.36 1.42
N GLY A 24 0.17 -2.91 1.23
CA GLY A 24 1.30 -2.10 0.81
C GLY A 24 2.03 -2.68 -0.38
N TYR A 25 1.95 -1.98 -1.51
CA TYR A 25 2.60 -2.45 -2.74
C TYR A 25 4.12 -2.35 -2.62
N CYS A 26 4.79 -3.47 -2.86
CA CYS A 26 6.25 -3.52 -2.79
C CYS A 26 6.83 -4.33 -3.94
N GLY A 27 7.35 -3.62 -4.94
CA GLY A 27 7.93 -4.30 -6.10
C GLY A 27 9.30 -4.88 -5.79
N ASN A 28 10.26 -4.61 -6.67
CA ASN A 28 11.62 -5.11 -6.50
C ASN A 28 12.50 -4.07 -5.82
N ASN A 29 12.01 -3.50 -4.73
CA ASN A 29 12.75 -2.49 -3.98
C ASN A 29 13.42 -3.10 -2.75
N GLY A 30 12.72 -4.03 -2.11
CA GLY A 30 13.26 -4.68 -0.93
C GLY A 30 12.23 -4.87 0.16
N VAL A 31 12.57 -5.66 1.17
CA VAL A 31 11.65 -5.92 2.28
C VAL A 31 11.26 -4.63 2.99
N VAL A 32 12.18 -3.66 3.00
CA VAL A 32 11.93 -2.38 3.64
C VAL A 32 10.70 -1.69 3.04
N THR A 33 10.73 -1.50 1.72
CA THR A 33 9.62 -0.86 1.03
C THR A 33 8.30 -1.56 1.33
N ARG A 34 8.31 -2.88 1.28
CA ARG A 34 7.11 -3.67 1.55
C ARG A 34 6.49 -3.26 2.88
N ASN A 35 7.32 -2.85 3.83
CA ASN A 35 6.85 -2.43 5.14
C ASN A 35 6.39 -0.98 5.12
N ALA A 36 7.20 -0.12 4.51
CA ALA A 36 6.88 1.29 4.41
C ALA A 36 5.47 1.50 3.86
N ASN A 37 5.16 0.80 2.77
CA ASN A 37 3.85 0.91 2.14
C ASN A 37 2.76 0.43 3.08
N ALA A 38 2.89 -0.80 3.56
CA ALA A 38 1.92 -1.38 4.48
C ALA A 38 1.72 -0.50 5.70
N ASN A 39 2.75 0.28 6.03
CA ASN A 39 2.69 1.17 7.20
C ASN A 39 1.73 2.33 6.94
N VAL A 40 1.65 2.76 5.68
CA VAL A 40 0.77 3.85 5.30
C VAL A 40 -0.68 3.39 5.21
N ALA A 41 -0.87 2.14 4.81
CA ALA A 41 -2.21 1.58 4.68
C ALA A 41 -2.73 1.09 6.03
N LYS A 42 -1.93 0.27 6.71
CA LYS A 42 -2.31 -0.26 8.01
C LYS A 42 -2.74 0.86 8.96
N THR A 43 -2.16 2.04 8.77
CA THR A 43 -2.48 3.20 9.60
C THR A 43 -3.69 3.95 9.06
N ALA A 44 -3.76 4.07 7.75
CA ALA A 44 -4.88 4.76 7.10
C ALA A 44 -6.10 3.86 6.99
N TRP A 1 -10.07 4.38 5.18
CA TRP A 1 -9.59 3.74 3.97
C TRP A 1 -8.07 3.74 3.89
N GLY A 2 -7.48 2.56 3.72
CA GLY A 2 -6.04 2.45 3.64
C GLY A 2 -5.58 1.65 2.43
N CYS A 3 -5.06 2.36 1.42
CA CYS A 3 -4.59 1.71 0.21
C CYS A 3 -3.40 2.47 -0.38
N VAL A 4 -2.26 1.80 -0.47
CA VAL A 4 -1.05 2.41 -1.02
C VAL A 4 -0.46 1.55 -2.13
N CYS A 5 0.20 2.20 -3.08
CA CYS A 5 0.81 1.50 -4.20
C CYS A 5 2.20 2.08 -4.50
N SER A 6 3.12 1.19 -4.87
CA SER A 6 4.49 1.61 -5.19
C SER A 6 4.57 2.16 -6.61
N GLY A 7 4.03 3.36 -6.81
CA GLY A 7 4.06 3.98 -8.13
C GLY A 7 3.25 5.26 -8.18
N SER A 8 1.95 5.13 -8.40
CA SER A 8 1.07 6.28 -8.48
C SER A 8 -0.24 6.03 -7.74
N THR A 9 -1.08 7.06 -7.67
CA THR A 9 -2.36 6.94 -6.99
C THR A 9 -3.37 6.18 -7.85
N ALA A 10 -3.36 6.45 -9.14
CA ALA A 10 -4.28 5.80 -10.07
C ALA A 10 -4.22 4.28 -9.92
N VAL A 11 -3.01 3.76 -9.70
CA VAL A 11 -2.82 2.32 -9.53
C VAL A 11 -3.09 1.89 -8.10
N ALA A 12 -2.85 2.80 -7.16
CA ALA A 12 -3.07 2.52 -5.75
C ALA A 12 -4.54 2.25 -5.46
N ASN A 13 -5.40 3.14 -5.94
CA ASN A 13 -6.84 3.00 -5.73
C ASN A 13 -7.41 1.88 -6.60
N SER A 14 -6.73 1.61 -7.72
CA SER A 14 -7.17 0.56 -8.64
C SER A 14 -7.36 -0.77 -7.90
N HIS A 15 -6.56 -0.97 -6.86
CA HIS A 15 -6.63 -2.20 -6.08
C HIS A 15 -7.39 -1.97 -4.77
N ASN A 16 -6.87 -1.06 -3.95
CA ASN A 16 -7.49 -0.74 -2.67
C ASN A 16 -7.76 -2.01 -1.86
N ALA A 17 -8.52 -1.87 -0.77
CA ALA A 17 -8.85 -3.00 0.08
C ALA A 17 -9.97 -2.65 1.06
N GLY A 18 -9.76 -1.58 1.81
CA GLY A 18 -10.75 -1.15 2.78
C GLY A 18 -10.14 -0.45 3.98
N PRO A 19 -11.00 0.15 4.82
CA PRO A 19 -10.56 0.86 6.02
C PRO A 19 -10.01 -0.08 7.09
N ALA A 20 -10.56 -1.29 7.14
CA ALA A 20 -10.13 -2.28 8.11
C ALA A 20 -9.15 -3.28 7.49
N TYR A 21 -8.49 -2.85 6.43
CA TYR A 21 -7.53 -3.70 5.73
C TYR A 21 -6.27 -2.92 5.36
N CYS A 22 -5.12 -3.56 5.53
CA CYS A 22 -3.84 -2.92 5.22
C CYS A 22 -3.14 -3.66 4.08
N VAL A 23 -2.87 -2.94 2.99
CA VAL A 23 -2.19 -3.53 1.83
C VAL A 23 -1.07 -2.63 1.35
N GLY A 24 0.16 -3.14 1.44
CA GLY A 24 1.31 -2.37 1.01
C GLY A 24 1.97 -2.95 -0.23
N TYR A 25 1.65 -2.38 -1.39
CA TYR A 25 2.21 -2.86 -2.65
C TYR A 25 3.61 -2.27 -2.88
N CYS A 26 4.61 -3.13 -2.81
CA CYS A 26 5.99 -2.71 -3.00
C CYS A 26 6.50 -3.13 -4.38
N GLY A 27 6.51 -4.44 -4.63
CA GLY A 27 6.97 -4.94 -5.91
C GLY A 27 8.32 -5.65 -5.81
N ASN A 28 9.37 -4.96 -6.22
CA ASN A 28 10.71 -5.52 -6.17
C ASN A 28 11.75 -4.44 -5.85
N ASN A 29 11.34 -3.46 -5.05
CA ASN A 29 12.23 -2.37 -4.67
C ASN A 29 13.08 -2.76 -3.48
N GLY A 30 12.57 -3.66 -2.65
CA GLY A 30 13.30 -4.11 -1.48
C GLY A 30 12.39 -4.39 -0.30
N VAL A 31 12.93 -5.05 0.72
CA VAL A 31 12.16 -5.37 1.91
C VAL A 31 11.73 -4.11 2.66
N VAL A 32 12.67 -3.17 2.79
CA VAL A 32 12.39 -1.92 3.48
C VAL A 32 11.13 -1.25 2.93
N THR A 33 11.12 -1.02 1.62
CA THR A 33 9.98 -0.39 0.97
C THR A 33 8.70 -1.17 1.23
N ARG A 34 8.77 -2.49 1.06
CA ARG A 34 7.61 -3.35 1.26
C ARG A 34 6.99 -3.11 2.63
N ASN A 35 7.81 -2.70 3.59
CA ASN A 35 7.35 -2.43 4.95
C ASN A 35 6.69 -1.05 5.02
N ALA A 36 7.37 -0.05 4.47
CA ALA A 36 6.86 1.32 4.47
C ALA A 36 5.44 1.37 3.92
N ASN A 37 5.24 0.77 2.76
CA ASN A 37 3.92 0.74 2.12
C ASN A 37 2.86 0.24 3.10
N ALA A 38 3.06 -0.96 3.62
CA ALA A 38 2.12 -1.56 4.56
C ALA A 38 1.94 -0.67 5.79
N ASN A 39 2.96 0.14 6.09
CA ASN A 39 2.92 1.03 7.23
C ASN A 39 1.95 2.18 6.99
N VAL A 40 1.85 2.61 5.74
CA VAL A 40 0.96 3.71 5.38
C VAL A 40 -0.49 3.24 5.30
N ALA A 41 -0.67 1.98 4.89
CA ALA A 41 -2.01 1.40 4.76
C ALA A 41 -2.52 0.90 6.11
N LYS A 42 -1.69 0.10 6.78
CA LYS A 42 -2.06 -0.45 8.09
C LYS A 42 -2.49 0.66 9.04
N THR A 43 -1.93 1.85 8.85
CA THR A 43 -2.27 2.99 9.70
C THR A 43 -3.50 3.72 9.17
N ALA A 44 -3.63 3.79 7.85
CA ALA A 44 -4.76 4.46 7.23
C ALA A 44 -6.03 3.62 7.37
#